data_3DGG
#
_entry.id   3DGG
#
_cell.length_a   78.225
_cell.length_b   52.142
_cell.length_c   112.123
_cell.angle_alpha   90.00
_cell.angle_beta   103.14
_cell.angle_gamma   90.00
#
_symmetry.space_group_name_H-M   'P 1 2 1'
#
loop_
_entity.id
_entity.type
_entity.pdbx_description
1 polymer 'FabOX108 Light Chain Fragment'
2 polymer 'FabOX108 Heavy Chain Fragment'
3 non-polymer 'MAGNESIUM ION'
4 water water
#
loop_
_entity_poly.entity_id
_entity_poly.type
_entity_poly.pdbx_seq_one_letter_code
_entity_poly.pdbx_strand_id
1 'polypeptide(L)'
;DIVLTQSPASLAVSLGQRATISCRASKSVSTSGYSYMHWYQQKPGQPPKLLIYLASNLESGVPARFSGSGSGTDFTLNIH
PVEEEDAATYYCQHSRELLTFGAGTKLELKRADAAPTVSIFPPSSEQLTSGGASVVCFLNNFYPKDINVKWKIDGSERQN
GVLNSWTDQDSKDSTYSMSSTLTLTKDEYERHNSYTCEATHKTSTSPIVKSFNRNEC
;
A,C
2 'polypeptide(L)'
;EVKLQQSGPELVKPGASVKMSCKASGYTFTSYVMHWVKQKPGQGLEWIGYINPYNDDTNYNEKFKGKATLTSDKSSSTAY
MELSSLTSEDSAVYYCAREDYYGSRWGYWGQGTTLTVSSAKTTPPSVYPLAPGSAAQTNSMVTLGCLVKGYFPEPVTVTW
NSGSLSSGVHTFPAVLQSDLYTLSSSVTVPSSTWPSETVTCNVAHPASSTKVDKKIVPRDCGKHHHHHH
;
B,D
#
loop_
_chem_comp.id
_chem_comp.type
_chem_comp.name
_chem_comp.formula
MG non-polymer 'MAGNESIUM ION' 'Mg 2'
#
# COMPACT_ATOMS: atom_id res chain seq x y z
N ASP A 1 -11.56 1.25 12.14
CA ASP A 1 -12.68 0.37 12.59
C ASP A 1 -13.58 -0.01 11.41
N ILE A 2 -13.12 -0.99 10.64
CA ILE A 2 -13.90 -1.57 9.55
C ILE A 2 -14.19 -3.03 9.88
N VAL A 3 -15.47 -3.35 10.07
CA VAL A 3 -15.90 -4.72 10.30
C VAL A 3 -16.28 -5.41 8.98
N LEU A 4 -15.68 -6.57 8.73
CA LEU A 4 -16.01 -7.38 7.56
C LEU A 4 -17.04 -8.45 7.94
N THR A 5 -18.18 -8.44 7.26
CA THR A 5 -19.17 -9.50 7.43
C THR A 5 -19.22 -10.34 6.17
N GLN A 6 -18.74 -11.58 6.29
CA GLN A 6 -18.75 -12.54 5.19
C GLN A 6 -20.00 -13.42 5.30
N SER A 7 -20.61 -13.75 4.17
CA SER A 7 -21.76 -14.64 4.18
C SER A 7 -21.89 -15.40 2.84
N PRO A 8 -22.46 -16.62 2.89
CA PRO A 8 -22.94 -17.33 4.06
C PRO A 8 -21.80 -18.10 4.72
N ALA A 9 -21.98 -18.52 5.96
CA ALA A 9 -20.99 -19.34 6.67
C ALA A 9 -20.79 -20.70 5.99
N SER A 10 -21.86 -21.23 5.41
CA SER A 10 -21.82 -22.51 4.71
C SER A 10 -22.57 -22.39 3.41
N LEU A 11 -22.09 -23.13 2.40
CA LEU A 11 -22.71 -23.17 1.08
C LEU A 11 -22.52 -24.56 0.49
N ALA A 12 -23.62 -25.18 0.09
CA ALA A 12 -23.58 -26.48 -0.61
C ALA A 12 -24.07 -26.30 -2.06
N VAL A 13 -23.26 -26.70 -3.02
CA VAL A 13 -23.59 -26.52 -4.46
C VAL A 13 -23.28 -27.75 -5.29
N SER A 14 -24.13 -27.99 -6.28
CA SER A 14 -23.94 -29.08 -7.23
C SER A 14 -22.76 -28.82 -8.17
N LEU A 15 -22.18 -29.91 -8.66
CA LEU A 15 -21.10 -29.83 -9.64
C LEU A 15 -21.63 -29.10 -10.87
N GLY A 16 -20.91 -28.08 -11.33
CA GLY A 16 -21.33 -27.28 -12.48
C GLY A 16 -22.10 -26.00 -12.15
N GLN A 17 -22.70 -25.93 -10.95
CA GLN A 17 -23.42 -24.73 -10.50
C GLN A 17 -22.48 -23.54 -10.34
N ARG A 18 -23.07 -22.38 -10.06
CA ARG A 18 -22.32 -21.19 -9.66
C ARG A 18 -22.38 -21.09 -8.14
N ALA A 19 -21.25 -20.78 -7.52
CA ALA A 19 -21.21 -20.43 -6.10
C ALA A 19 -20.94 -18.94 -6.00
N THR A 20 -21.61 -18.27 -5.06
CA THR A 20 -21.41 -16.85 -4.83
C THR A 20 -21.24 -16.60 -3.35
N ILE A 21 -20.11 -15.98 -2.99
CA ILE A 21 -19.76 -15.70 -1.60
C ILE A 21 -19.61 -14.20 -1.43
N SER A 22 -20.21 -13.66 -0.37
CA SER A 22 -20.26 -12.22 -0.16
C SER A 22 -19.46 -11.74 1.03
N CYS A 23 -18.88 -10.56 0.88
CA CYS A 23 -18.16 -9.89 1.93
C CYS A 23 -18.54 -8.43 1.87
N ARG A 24 -19.09 -7.91 2.96
CA ARG A 24 -19.36 -6.48 3.04
C ARG A 24 -18.62 -5.83 4.20
N ALA A 25 -18.48 -4.51 4.11
CA ALA A 25 -17.71 -3.72 5.06
C ALA A 25 -18.55 -2.54 5.51
N SER A 26 -18.32 -2.10 6.76
CA SER A 26 -19.06 -0.97 7.34
C SER A 26 -18.73 0.39 6.71
N LYS A 27 -17.49 0.50 6.21
CA LYS A 27 -17.07 1.67 5.43
C LYS A 27 -16.50 1.22 4.10
N SER A 28 -16.41 2.15 3.16
CA SER A 28 -15.81 1.90 1.86
C SER A 28 -14.31 1.61 1.99
N VAL A 29 -13.87 0.58 1.29
CA VAL A 29 -12.45 0.24 1.21
C VAL A 29 -11.84 0.67 -0.14
N SER A 30 -12.45 1.66 -0.80
CA SER A 30 -12.05 2.07 -2.16
C SER A 30 -11.80 3.57 -2.33
N THR A 31 -11.73 4.31 -1.21
CA THR A 31 -11.74 5.78 -1.27
C THR A 31 -10.44 6.39 -1.80
N SER A 32 -9.34 5.66 -1.78
CA SER A 32 -8.05 6.19 -2.20
C SER A 32 -7.68 5.80 -3.64
N GLY A 33 -8.51 4.95 -4.26
CA GLY A 33 -8.26 4.52 -5.64
C GLY A 33 -8.73 3.10 -5.88
N TYR A 34 -7.89 2.13 -5.54
CA TYR A 34 -8.23 0.71 -5.67
C TYR A 34 -9.00 0.18 -4.45
N SER A 35 -9.66 -0.96 -4.63
CA SER A 35 -10.46 -1.59 -3.59
C SER A 35 -9.61 -2.62 -2.84
N TYR A 36 -9.25 -2.33 -1.60
CA TYR A 36 -8.40 -3.23 -0.82
C TYR A 36 -9.19 -4.38 -0.20
N MET A 37 -9.59 -5.30 -1.07
CA MET A 37 -10.24 -6.54 -0.70
C MET A 37 -9.56 -7.66 -1.45
N HIS A 38 -9.20 -8.72 -0.73
CA HIS A 38 -8.57 -9.91 -1.32
C HIS A 38 -9.38 -11.14 -0.95
N TRP A 39 -9.27 -12.19 -1.76
CA TRP A 39 -9.96 -13.45 -1.50
C TRP A 39 -8.97 -14.61 -1.43
N TYR A 40 -9.16 -15.47 -0.43
CA TYR A 40 -8.29 -16.63 -0.23
C TYR A 40 -9.07 -17.92 -0.18
N GLN A 41 -8.43 -19.03 -0.58
CA GLN A 41 -8.98 -20.36 -0.49
C GLN A 41 -8.08 -21.21 0.39
N GLN A 42 -8.67 -21.96 1.33
CA GLN A 42 -7.91 -22.83 2.20
C GLN A 42 -8.51 -24.22 2.28
N LYS A 43 -7.66 -25.21 2.00
CA LYS A 43 -8.02 -26.61 2.11
C LYS A 43 -7.36 -27.20 3.35
N PRO A 44 -8.02 -28.19 4.00
CA PRO A 44 -7.50 -28.77 5.24
C PRO A 44 -6.01 -29.15 5.19
N GLY A 45 -5.25 -28.73 6.21
CA GLY A 45 -3.83 -29.07 6.33
C GLY A 45 -2.91 -28.26 5.45
N GLN A 46 -3.45 -27.22 4.81
CA GLN A 46 -2.66 -26.35 3.94
C GLN A 46 -2.82 -24.89 4.36
N PRO A 47 -1.79 -24.07 4.09
CA PRO A 47 -1.97 -22.64 4.24
C PRO A 47 -3.01 -22.08 3.27
N PRO A 48 -3.61 -20.92 3.60
CA PRO A 48 -4.49 -20.27 2.63
C PRO A 48 -3.80 -19.88 1.33
N LYS A 49 -4.56 -19.85 0.25
CA LYS A 49 -4.02 -19.53 -1.07
C LYS A 49 -4.73 -18.29 -1.59
N LEU A 50 -3.97 -17.33 -2.11
CA LEU A 50 -4.53 -16.13 -2.72
C LEU A 50 -5.20 -16.44 -4.06
N LEU A 51 -6.46 -16.03 -4.21
CA LEU A 51 -7.18 -16.20 -5.48
C LEU A 51 -7.32 -14.89 -6.24
N ILE A 52 -7.81 -13.87 -5.55
CA ILE A 52 -8.16 -12.59 -6.14
C ILE A 52 -7.56 -11.51 -5.29
N TYR A 53 -6.92 -10.53 -5.93
CA TYR A 53 -6.42 -9.37 -5.22
C TYR A 53 -7.05 -8.07 -5.76
N LEU A 54 -7.19 -7.10 -4.87
CA LEU A 54 -7.78 -5.80 -5.18
C LEU A 54 -9.16 -5.97 -5.83
N ALA A 55 -9.99 -6.78 -5.18
CA ALA A 55 -11.40 -6.98 -5.54
C ALA A 55 -11.62 -7.85 -6.78
N SER A 56 -10.89 -7.59 -7.86
CA SER A 56 -11.18 -8.20 -9.17
C SER A 56 -10.00 -8.74 -9.98
N ASN A 57 -8.77 -8.68 -9.46
CA ASN A 57 -7.61 -9.15 -10.22
C ASN A 57 -7.31 -10.62 -9.90
N LEU A 58 -7.33 -11.46 -10.93
CA LEU A 58 -7.05 -12.89 -10.78
C LEU A 58 -5.55 -13.09 -10.53
N GLU A 59 -5.22 -13.74 -9.40
CA GLU A 59 -3.84 -14.04 -9.06
C GLU A 59 -3.23 -15.00 -10.07
N SER A 60 -1.93 -14.85 -10.33
CA SER A 60 -1.23 -15.66 -11.30
C SER A 60 -1.28 -17.13 -10.93
N GLY A 61 -1.66 -17.96 -11.89
CA GLY A 61 -1.70 -19.41 -11.70
C GLY A 61 -3.04 -19.96 -11.25
N VAL A 62 -3.98 -19.10 -10.88
CA VAL A 62 -5.31 -19.55 -10.48
C VAL A 62 -6.29 -19.50 -11.67
N PRO A 63 -7.15 -20.54 -11.81
CA PRO A 63 -8.01 -20.66 -12.99
C PRO A 63 -9.13 -19.60 -13.09
N ALA A 64 -9.55 -19.34 -14.33
CA ALA A 64 -10.54 -18.30 -14.64
C ALA A 64 -11.96 -18.63 -14.19
N ARG A 65 -12.17 -19.83 -13.65
CA ARG A 65 -13.43 -20.19 -13.00
C ARG A 65 -13.70 -19.25 -11.80
N PHE A 66 -12.62 -18.78 -11.16
CA PHE A 66 -12.71 -17.84 -10.05
C PHE A 66 -12.66 -16.41 -10.56
N SER A 67 -13.55 -15.57 -10.02
CA SER A 67 -13.59 -14.16 -10.37
C SER A 67 -14.12 -13.37 -9.19
N GLY A 68 -13.68 -12.12 -9.08
CA GLY A 68 -14.12 -11.22 -8.02
C GLY A 68 -14.74 -9.96 -8.56
N SER A 69 -15.67 -9.39 -7.82
CA SER A 69 -16.27 -8.12 -8.19
C SER A 69 -16.70 -7.30 -6.98
N GLY A 70 -17.14 -6.08 -7.24
CA GLY A 70 -17.66 -5.20 -6.19
C GLY A 70 -16.81 -3.98 -5.96
N SER A 71 -17.31 -3.07 -5.13
CA SER A 71 -16.63 -1.83 -4.87
C SER A 71 -17.17 -1.21 -3.60
N GLY A 72 -16.37 -0.34 -2.98
CA GLY A 72 -16.76 0.35 -1.77
C GLY A 72 -17.07 -0.59 -0.62
N THR A 73 -18.35 -0.97 -0.53
CA THR A 73 -18.90 -1.62 0.65
C THR A 73 -19.34 -3.08 0.43
N ASP A 74 -19.54 -3.51 -0.81
CA ASP A 74 -20.03 -4.88 -1.10
C ASP A 74 -19.16 -5.60 -2.13
N PHE A 75 -18.76 -6.82 -1.81
CA PHE A 75 -17.84 -7.60 -2.65
C PHE A 75 -18.28 -9.05 -2.73
N THR A 76 -18.07 -9.66 -3.90
CA THR A 76 -18.40 -11.06 -4.11
C THR A 76 -17.26 -11.84 -4.75
N LEU A 77 -17.21 -13.11 -4.38
CA LEU A 77 -16.35 -14.08 -5.03
C LEU A 77 -17.27 -15.05 -5.75
N ASN A 78 -17.08 -15.19 -7.07
CA ASN A 78 -17.83 -16.16 -7.85
C ASN A 78 -16.96 -17.31 -8.32
N ILE A 79 -17.47 -18.54 -8.16
CA ILE A 79 -16.83 -19.71 -8.73
C ILE A 79 -17.83 -20.36 -9.65
N HIS A 80 -17.44 -20.54 -10.91
CA HIS A 80 -18.35 -20.97 -11.97
C HIS A 80 -17.54 -21.38 -13.20
N PRO A 81 -17.62 -22.67 -13.60
CA PRO A 81 -18.38 -23.76 -12.97
C PRO A 81 -17.64 -24.29 -11.74
N VAL A 82 -18.39 -24.79 -10.76
CA VAL A 82 -17.79 -25.36 -9.57
C VAL A 82 -17.32 -26.80 -9.84
N GLU A 83 -16.10 -27.10 -9.41
CA GLU A 83 -15.47 -28.41 -9.57
C GLU A 83 -15.33 -29.11 -8.22
N GLU A 84 -15.13 -30.43 -8.24
CA GLU A 84 -14.98 -31.20 -7.00
C GLU A 84 -13.85 -30.70 -6.10
N GLU A 85 -12.78 -30.20 -6.72
CA GLU A 85 -11.62 -29.69 -5.98
C GLU A 85 -11.87 -28.37 -5.22
N ASP A 86 -12.99 -27.71 -5.50
CA ASP A 86 -13.29 -26.42 -4.87
C ASP A 86 -13.84 -26.55 -3.44
N ALA A 87 -14.11 -27.78 -3.00
CA ALA A 87 -14.45 -28.04 -1.59
C ALA A 87 -13.34 -27.47 -0.72
N ALA A 88 -13.65 -26.43 0.05
CA ALA A 88 -12.66 -25.68 0.81
C ALA A 88 -13.34 -24.58 1.62
N THR A 89 -12.55 -23.87 2.43
CA THR A 89 -13.03 -22.65 3.10
C THR A 89 -12.46 -21.43 2.38
N TYR A 90 -13.32 -20.44 2.14
CA TYR A 90 -12.92 -19.19 1.45
C TYR A 90 -13.01 -18.01 2.42
N TYR A 91 -12.01 -17.12 2.35
CA TYR A 91 -11.93 -15.94 3.22
C TYR A 91 -11.72 -14.64 2.43
N CYS A 92 -12.44 -13.59 2.81
CA CYS A 92 -12.11 -12.23 2.36
C CYS A 92 -11.17 -11.57 3.38
N GLN A 93 -10.52 -10.49 2.95
CA GLN A 93 -9.48 -9.84 3.75
C GLN A 93 -9.33 -8.38 3.35
N HIS A 94 -9.16 -7.53 4.36
CA HIS A 94 -8.87 -6.12 4.16
C HIS A 94 -7.74 -5.70 5.10
N SER A 95 -6.89 -4.77 4.65
CA SER A 95 -5.81 -4.20 5.49
C SER A 95 -6.05 -2.74 5.92
N ARG A 96 -5.57 -1.79 5.11
CA ARG A 96 -5.61 -0.35 5.43
C ARG A 96 -5.18 0.01 6.86
N GLU A 97 -6.07 -0.29 7.79
CA GLU A 97 -6.06 0.29 9.12
C GLU A 97 -5.73 -0.80 10.13
N LEU A 98 -6.70 -1.68 10.35
CA LEU A 98 -6.52 -2.89 11.12
C LEU A 98 -6.76 -4.03 10.14
N LEU A 99 -5.76 -4.89 9.99
CA LEU A 99 -5.91 -6.05 9.13
C LEU A 99 -6.99 -6.95 9.70
N THR A 100 -7.93 -7.35 8.86
CA THR A 100 -9.09 -8.16 9.27
C THR A 100 -9.41 -9.25 8.24
N PHE A 101 -9.67 -10.47 8.72
CA PHE A 101 -10.17 -11.55 7.87
C PHE A 101 -11.65 -11.74 8.12
N GLY A 102 -12.39 -12.07 7.06
CA GLY A 102 -13.77 -12.49 7.20
C GLY A 102 -13.87 -13.80 7.97
N ALA A 103 -15.07 -14.13 8.44
CA ALA A 103 -15.25 -15.33 9.27
C ALA A 103 -15.12 -16.62 8.44
N GLY A 104 -15.18 -16.50 7.12
CA GLY A 104 -15.01 -17.64 6.23
C GLY A 104 -16.30 -18.34 5.83
N THR A 105 -16.30 -18.87 4.62
CA THR A 105 -17.41 -19.64 4.09
C THR A 105 -16.90 -21.02 3.71
N LYS A 106 -17.50 -22.06 4.29
CA LYS A 106 -17.13 -23.43 3.93
C LYS A 106 -17.95 -23.89 2.72
N LEU A 107 -17.29 -24.18 1.61
CA LEU A 107 -17.98 -24.70 0.42
C LEU A 107 -18.00 -26.22 0.43
N GLU A 108 -19.21 -26.78 0.33
CA GLU A 108 -19.42 -28.21 0.28
C GLU A 108 -20.03 -28.55 -1.05
N LEU A 109 -19.67 -29.71 -1.58
CA LEU A 109 -20.24 -30.18 -2.83
C LEU A 109 -21.44 -31.08 -2.59
N LYS A 110 -22.42 -30.97 -3.48
CA LYS A 110 -23.53 -31.90 -3.52
C LYS A 110 -23.18 -33.03 -4.48
N ARG A 111 -23.72 -34.22 -4.21
CA ARG A 111 -23.57 -35.37 -5.09
C ARG A 111 -24.59 -36.44 -4.73
N ALA A 112 -24.57 -37.55 -5.48
CA ALA A 112 -25.50 -38.65 -5.25
C ALA A 112 -25.27 -39.28 -3.88
N ASP A 113 -26.36 -39.73 -3.28
CA ASP A 113 -26.27 -40.42 -2.00
C ASP A 113 -25.54 -41.75 -2.22
N ALA A 114 -24.72 -42.12 -1.25
CA ALA A 114 -23.86 -43.30 -1.37
C ALA A 114 -23.78 -44.01 -0.03
N ALA A 115 -24.08 -45.30 -0.03
CA ALA A 115 -23.94 -46.11 1.17
C ALA A 115 -22.47 -46.30 1.49
N PRO A 116 -22.12 -46.40 2.78
CA PRO A 116 -20.73 -46.69 3.13
C PRO A 116 -20.31 -48.10 2.76
N THR A 117 -19.06 -48.25 2.34
CA THR A 117 -18.43 -49.57 2.23
C THR A 117 -17.83 -49.87 3.60
N VAL A 118 -18.45 -50.83 4.29
CA VAL A 118 -18.12 -51.12 5.68
C VAL A 118 -17.18 -52.32 5.74
N SER A 119 -16.08 -52.18 6.48
CA SER A 119 -15.16 -53.30 6.69
C SER A 119 -14.72 -53.35 8.16
N ILE A 120 -14.64 -54.56 8.70
CA ILE A 120 -14.41 -54.75 10.12
C ILE A 120 -13.19 -55.65 10.36
N PHE A 121 -12.38 -55.30 11.36
CA PHE A 121 -11.10 -55.97 11.60
C PHE A 121 -10.98 -56.41 13.06
N PRO A 122 -10.70 -57.71 13.30
CA PRO A 122 -10.40 -58.16 14.65
C PRO A 122 -9.06 -57.59 15.11
N PRO A 123 -8.80 -57.58 16.42
CA PRO A 123 -7.48 -57.11 16.86
C PRO A 123 -6.35 -57.95 16.30
N SER A 124 -5.23 -57.32 15.97
CA SER A 124 -4.07 -58.04 15.47
C SER A 124 -3.46 -58.83 16.63
N SER A 125 -2.79 -59.92 16.27
CA SER A 125 -2.16 -60.80 17.25
C SER A 125 -1.11 -60.05 18.07
N GLU A 126 -0.37 -59.17 17.39
CA GLU A 126 0.62 -58.31 18.05
C GLU A 126 0.01 -57.46 19.18
N GLN A 127 -1.23 -57.01 19.01
CA GLN A 127 -1.90 -56.20 20.04
C GLN A 127 -2.34 -57.04 21.23
N LEU A 128 -2.93 -58.20 20.96
CA LEU A 128 -3.39 -59.12 22.00
C LEU A 128 -2.28 -59.53 22.96
N THR A 129 -1.08 -59.73 22.42
CA THR A 129 0.05 -60.19 23.21
C THR A 129 0.72 -59.04 24.00
N SER A 130 0.28 -57.80 23.74
CA SER A 130 0.65 -56.66 24.59
C SER A 130 -0.48 -56.31 25.57
N GLY A 131 -1.56 -57.11 25.53
CA GLY A 131 -2.60 -57.06 26.57
C GLY A 131 -3.83 -56.27 26.17
N GLY A 132 -3.85 -55.77 24.94
CA GLY A 132 -4.91 -54.91 24.46
C GLY A 132 -5.70 -55.54 23.34
N ALA A 133 -6.85 -54.94 23.02
CA ALA A 133 -7.72 -55.43 21.95
C ALA A 133 -8.54 -54.29 21.36
N SER A 134 -8.16 -53.84 20.17
CA SER A 134 -8.93 -52.83 19.44
C SER A 134 -9.62 -53.49 18.26
N VAL A 135 -10.94 -53.35 18.17
CA VAL A 135 -11.69 -53.79 17.00
C VAL A 135 -12.00 -52.57 16.15
N VAL A 136 -11.52 -52.58 14.92
CA VAL A 136 -11.58 -51.42 14.03
C VAL A 136 -12.63 -51.64 12.95
N CYS A 137 -13.43 -50.59 12.71
CA CYS A 137 -14.46 -50.58 11.69
C CYS A 137 -14.29 -49.34 10.79
N PHE A 138 -14.11 -49.56 9.50
CA PHE A 138 -14.04 -48.47 8.52
C PHE A 138 -15.39 -48.36 7.83
N LEU A 139 -15.90 -47.13 7.71
CA LEU A 139 -17.12 -46.83 6.97
C LEU A 139 -16.78 -45.80 5.89
N ASN A 140 -16.52 -46.28 4.68
CA ASN A 140 -15.83 -45.48 3.66
C ASN A 140 -16.68 -45.04 2.47
N ASN A 141 -16.36 -43.83 2.00
CA ASN A 141 -16.88 -43.29 0.75
C ASN A 141 -18.41 -43.20 0.69
N PHE A 142 -18.99 -42.53 1.68
CA PHE A 142 -20.43 -42.36 1.78
C PHE A 142 -20.85 -40.89 1.66
N TYR A 143 -22.14 -40.70 1.38
CA TYR A 143 -22.72 -39.38 1.27
C TYR A 143 -24.22 -39.49 1.54
N PRO A 144 -24.80 -38.54 2.29
CA PRO A 144 -24.22 -37.34 2.91
C PRO A 144 -23.40 -37.62 4.18
N LYS A 145 -22.85 -36.57 4.79
CA LYS A 145 -21.91 -36.72 5.91
C LYS A 145 -22.47 -37.37 7.18
N ASP A 146 -23.75 -37.14 7.48
CA ASP A 146 -24.33 -37.68 8.70
C ASP A 146 -24.50 -39.19 8.68
N ILE A 147 -24.04 -39.82 9.76
CA ILE A 147 -24.01 -41.27 9.85
C ILE A 147 -23.90 -41.70 11.30
N ASN A 148 -24.57 -42.79 11.64
CA ASN A 148 -24.54 -43.37 12.98
C ASN A 148 -23.89 -44.74 12.97
N VAL A 149 -22.91 -44.92 13.85
CA VAL A 149 -22.29 -46.23 14.04
C VAL A 149 -22.68 -46.77 15.40
N LYS A 150 -23.05 -48.04 15.42
CA LYS A 150 -23.36 -48.74 16.66
C LYS A 150 -22.46 -49.97 16.74
N TRP A 151 -22.02 -50.30 17.96
CA TRP A 151 -21.27 -51.51 18.21
C TRP A 151 -22.12 -52.51 18.98
N LYS A 152 -22.02 -53.78 18.59
CA LYS A 152 -22.70 -54.86 19.32
C LYS A 152 -21.73 -55.99 19.59
N ILE A 153 -21.82 -56.56 20.79
CA ILE A 153 -21.09 -57.76 21.17
C ILE A 153 -22.14 -58.81 21.55
N ASP A 154 -21.96 -60.04 21.05
CA ASP A 154 -22.93 -61.11 21.27
C ASP A 154 -24.38 -60.60 21.20
N GLY A 155 -24.65 -59.76 20.20
CA GLY A 155 -26.02 -59.32 19.92
C GLY A 155 -26.58 -58.21 20.77
N SER A 156 -25.73 -57.55 21.57
CA SER A 156 -26.20 -56.46 22.44
C SER A 156 -25.24 -55.27 22.39
N GLU A 157 -25.81 -54.06 22.41
CA GLU A 157 -25.04 -52.82 22.20
C GLU A 157 -24.03 -52.48 23.30
N ARG A 158 -22.80 -52.19 22.87
CA ARG A 158 -21.75 -51.64 23.74
C ARG A 158 -21.42 -50.22 23.32
N GLN A 159 -21.06 -49.39 24.30
CA GLN A 159 -20.79 -47.97 24.10
C GLN A 159 -19.43 -47.50 24.68
N ASN A 160 -18.94 -48.19 25.71
CA ASN A 160 -17.65 -47.84 26.34
C ASN A 160 -16.47 -48.18 25.43
N GLY A 161 -15.44 -47.34 25.47
CA GLY A 161 -14.20 -47.59 24.73
C GLY A 161 -14.32 -47.41 23.22
N VAL A 162 -15.29 -46.61 22.79
CA VAL A 162 -15.51 -46.36 21.38
C VAL A 162 -14.97 -45.00 21.02
N LEU A 163 -14.12 -44.95 19.99
CA LEU A 163 -13.56 -43.72 19.44
C LEU A 163 -13.86 -43.61 17.95
N ASN A 164 -14.41 -42.46 17.55
CA ASN A 164 -14.81 -42.20 16.19
C ASN A 164 -14.00 -41.05 15.62
N SER A 165 -13.72 -41.14 14.32
CA SER A 165 -12.99 -40.11 13.60
C SER A 165 -13.52 -39.99 12.17
N TRP A 166 -13.72 -38.76 11.72
CA TRP A 166 -14.30 -38.47 10.42
C TRP A 166 -13.30 -37.71 9.54
N THR A 167 -13.27 -38.01 8.25
CA THR A 167 -12.48 -37.25 7.29
C THR A 167 -13.26 -36.03 6.79
N ASP A 168 -12.53 -35.05 6.25
CA ASP A 168 -13.13 -33.95 5.48
C ASP A 168 -13.65 -34.49 4.13
N GLN A 169 -14.40 -33.67 3.41
CA GLN A 169 -14.97 -34.08 2.12
C GLN A 169 -13.85 -34.37 1.11
N ASP A 170 -13.98 -35.51 0.41
CA ASP A 170 -12.99 -35.95 -0.57
C ASP A 170 -12.86 -34.96 -1.74
N SER A 171 -11.62 -34.65 -2.12
CA SER A 171 -11.32 -33.71 -3.21
C SER A 171 -11.78 -34.18 -4.58
N LYS A 172 -11.76 -35.50 -4.79
CA LYS A 172 -12.04 -36.06 -6.11
C LYS A 172 -13.50 -36.43 -6.29
N ASP A 173 -14.07 -37.16 -5.33
CA ASP A 173 -15.43 -37.70 -5.50
C ASP A 173 -16.47 -37.14 -4.55
N SER A 174 -16.07 -36.26 -3.64
CA SER A 174 -17.00 -35.52 -2.77
C SER A 174 -17.70 -36.39 -1.73
N THR A 175 -17.11 -37.55 -1.42
CA THR A 175 -17.67 -38.43 -0.40
C THR A 175 -16.99 -38.16 0.94
N TYR A 176 -17.57 -38.76 1.99
CA TYR A 176 -17.02 -38.73 3.34
C TYR A 176 -16.65 -40.15 3.80
N SER A 177 -15.77 -40.22 4.78
CA SER A 177 -15.36 -41.50 5.37
C SER A 177 -15.28 -41.40 6.88
N MET A 178 -15.31 -42.53 7.55
CA MET A 178 -15.31 -42.56 9.01
C MET A 178 -14.69 -43.86 9.50
N SER A 179 -13.98 -43.77 10.63
CA SER A 179 -13.51 -44.95 11.33
C SER A 179 -14.10 -44.98 12.75
N SER A 180 -14.44 -46.18 13.20
CA SER A 180 -14.90 -46.39 14.58
C SER A 180 -14.05 -47.49 15.20
N THR A 181 -13.49 -47.23 16.38
CA THR A 181 -12.66 -48.21 17.08
C THR A 181 -13.17 -48.50 18.48
N LEU A 182 -13.46 -49.78 18.72
CA LEU A 182 -13.85 -50.28 20.03
C LEU A 182 -12.65 -50.92 20.73
N THR A 183 -12.21 -50.32 21.82
CA THR A 183 -11.03 -50.79 22.55
C THR A 183 -11.43 -51.48 23.87
N LEU A 184 -11.02 -52.73 24.03
CA LEU A 184 -11.15 -53.43 25.31
C LEU A 184 -9.83 -54.09 25.70
N THR A 185 -9.79 -54.73 26.86
CA THR A 185 -8.62 -55.51 27.24
C THR A 185 -8.62 -56.84 26.47
N LYS A 186 -7.43 -57.41 26.27
CA LYS A 186 -7.31 -58.72 25.66
C LYS A 186 -8.23 -59.74 26.33
N ASP A 187 -8.17 -59.79 27.65
CA ASP A 187 -9.02 -60.69 28.44
C ASP A 187 -10.50 -60.46 28.19
N GLU A 188 -10.92 -59.20 28.12
CA GLU A 188 -12.32 -58.87 27.81
C GLU A 188 -12.72 -59.37 26.44
N TYR A 189 -11.89 -59.10 25.44
CA TYR A 189 -12.12 -59.51 24.06
C TYR A 189 -12.39 -61.00 23.92
N GLU A 190 -11.55 -61.79 24.61
CA GLU A 190 -11.61 -63.24 24.51
C GLU A 190 -12.77 -63.87 25.28
N ARG A 191 -13.51 -63.05 26.04
CA ARG A 191 -14.72 -63.53 26.74
C ARG A 191 -15.99 -63.52 25.88
N HIS A 192 -15.93 -62.92 24.68
CA HIS A 192 -17.10 -62.86 23.80
C HIS A 192 -16.77 -63.45 22.45
N ASN A 193 -17.83 -63.84 21.72
CA ASN A 193 -17.69 -64.55 20.45
C ASN A 193 -17.97 -63.70 19.21
N SER A 194 -18.97 -62.83 19.29
CA SER A 194 -19.41 -62.09 18.11
C SER A 194 -19.27 -60.58 18.26
N TYR A 195 -18.70 -59.94 17.23
CA TYR A 195 -18.48 -58.50 17.18
C TYR A 195 -19.11 -57.91 15.93
N THR A 196 -19.82 -56.80 16.09
CA THR A 196 -20.61 -56.20 15.03
C THR A 196 -20.55 -54.66 15.07
N CYS A 197 -20.20 -54.03 13.94
CA CYS A 197 -20.44 -52.60 13.78
C CYS A 197 -21.53 -52.42 12.73
N GLU A 198 -22.47 -51.53 13.01
CA GLU A 198 -23.55 -51.26 12.07
C GLU A 198 -23.74 -49.78 11.86
N ALA A 199 -23.92 -49.40 10.60
CA ALA A 199 -24.09 -48.02 10.18
C ALA A 199 -25.55 -47.75 9.87
N THR A 200 -26.09 -46.69 10.46
CA THR A 200 -27.38 -46.14 10.07
C THR A 200 -27.12 -44.89 9.23
N HIS A 201 -27.54 -44.95 7.97
CA HIS A 201 -27.26 -43.91 6.98
C HIS A 201 -28.56 -43.56 6.23
N LYS A 202 -28.55 -42.45 5.51
CA LYS A 202 -29.75 -41.93 4.85
C LYS A 202 -30.18 -42.73 3.61
N THR A 203 -29.25 -43.50 3.04
CA THR A 203 -29.50 -44.24 1.81
C THR A 203 -30.46 -45.41 2.00
N SER A 204 -30.15 -46.27 2.97
CA SER A 204 -30.95 -47.46 3.22
C SER A 204 -31.92 -47.25 4.38
N THR A 205 -33.03 -47.99 4.34
CA THR A 205 -33.97 -48.05 5.45
C THR A 205 -33.36 -48.89 6.57
N SER A 206 -32.69 -49.97 6.18
CA SER A 206 -32.02 -50.85 7.13
C SER A 206 -30.55 -50.45 7.28
N PRO A 207 -29.97 -50.69 8.47
CA PRO A 207 -28.56 -50.37 8.67
C PRO A 207 -27.63 -51.35 7.95
N ILE A 208 -26.46 -50.86 7.56
CA ILE A 208 -25.42 -51.72 6.99
C ILE A 208 -24.61 -52.30 8.14
N VAL A 209 -24.57 -53.63 8.25
CA VAL A 209 -23.84 -54.26 9.34
C VAL A 209 -22.75 -55.20 8.81
N LYS A 210 -21.62 -55.19 9.49
CA LYS A 210 -20.54 -56.11 9.23
C LYS A 210 -20.20 -56.73 10.58
N SER A 211 -19.98 -58.03 10.57
CA SER A 211 -19.66 -58.74 11.80
C SER A 211 -18.60 -59.82 11.57
N PHE A 212 -18.02 -60.28 12.66
CA PHE A 212 -17.15 -61.45 12.61
C PHE A 212 -17.29 -62.26 13.89
N ASN A 213 -16.86 -63.51 13.78
CA ASN A 213 -16.78 -64.43 14.90
C ASN A 213 -15.32 -64.60 15.30
N ARG A 214 -15.01 -64.24 16.54
CA ARG A 214 -13.64 -64.30 17.07
C ARG A 214 -12.98 -65.64 16.77
N ASN A 215 -13.73 -66.72 16.94
CA ASN A 215 -13.21 -68.08 16.78
C ASN A 215 -13.24 -68.68 15.35
N GLU A 216 -13.06 -67.84 14.32
CA GLU A 216 -12.97 -68.34 12.93
C GLU A 216 -11.61 -68.99 12.66
N CYS A 217 -10.53 -68.26 12.95
CA CYS A 217 -9.17 -68.79 12.83
C CYS A 217 -8.79 -69.50 14.14
N GLU B 1 12.29 -19.30 -6.94
CA GLU B 1 11.02 -18.61 -6.58
C GLU B 1 11.04 -18.18 -5.11
N VAL B 2 10.14 -17.26 -4.77
CA VAL B 2 9.90 -16.90 -3.37
C VAL B 2 9.49 -18.15 -2.59
N LYS B 3 10.05 -18.30 -1.39
CA LYS B 3 9.72 -19.44 -0.53
C LYS B 3 9.82 -19.05 0.94
N LEU B 4 8.85 -19.52 1.74
CA LEU B 4 8.83 -19.29 3.17
C LEU B 4 8.83 -20.63 3.90
N GLN B 5 9.94 -20.95 4.57
CA GLN B 5 10.10 -22.21 5.30
C GLN B 5 10.02 -22.00 6.82
N GLN B 6 8.93 -22.47 7.41
CA GLN B 6 8.71 -22.41 8.86
C GLN B 6 9.32 -23.61 9.58
N SER B 7 9.64 -23.44 10.86
CA SER B 7 10.19 -24.54 11.67
C SER B 7 9.16 -25.65 11.90
N GLY B 8 9.63 -26.82 12.35
CA GLY B 8 8.77 -27.98 12.56
C GLY B 8 7.88 -27.90 13.79
N PRO B 9 7.10 -28.96 14.06
CA PRO B 9 6.15 -28.93 15.18
C PRO B 9 6.84 -28.81 16.54
N GLU B 10 6.17 -28.18 17.50
CA GLU B 10 6.75 -27.99 18.83
C GLU B 10 5.77 -28.35 19.94
N LEU B 11 6.29 -29.09 20.92
CA LEU B 11 5.57 -29.44 22.15
C LEU B 11 6.29 -28.78 23.31
N VAL B 12 5.60 -27.89 24.01
CA VAL B 12 6.18 -27.25 25.19
C VAL B 12 5.25 -27.43 26.37
N LYS B 13 5.81 -27.32 27.57
CA LYS B 13 5.01 -27.39 28.79
C LYS B 13 4.37 -26.03 29.07
N PRO B 14 3.22 -26.03 29.78
CA PRO B 14 2.55 -24.77 30.10
C PRO B 14 3.45 -23.82 30.92
N GLY B 15 3.38 -22.53 30.60
CA GLY B 15 4.20 -21.51 31.25
C GLY B 15 5.46 -21.18 30.47
N ALA B 16 5.81 -22.03 29.50
CA ALA B 16 7.03 -21.86 28.73
C ALA B 16 6.92 -20.77 27.69
N SER B 17 8.07 -20.50 27.06
CA SER B 17 8.20 -19.61 25.94
C SER B 17 8.69 -20.47 24.77
N VAL B 18 8.27 -20.14 23.55
CA VAL B 18 8.79 -20.81 22.34
C VAL B 18 9.07 -19.82 21.21
N LYS B 19 10.10 -20.10 20.41
CA LYS B 19 10.46 -19.25 19.28
C LYS B 19 10.40 -20.02 17.96
N MET B 20 9.40 -19.68 17.15
CA MET B 20 9.25 -20.23 15.80
C MET B 20 9.99 -19.37 14.79
N SER B 21 10.42 -19.97 13.69
CA SER B 21 11.16 -19.26 12.64
C SER B 21 10.43 -19.32 11.29
N CYS B 22 10.66 -18.31 10.47
CA CYS B 22 10.14 -18.25 9.12
C CYS B 22 11.27 -17.78 8.22
N LYS B 23 11.85 -18.73 7.47
CA LYS B 23 13.06 -18.51 6.69
C LYS B 23 12.67 -18.18 5.27
N ALA B 24 13.02 -16.97 4.83
CA ALA B 24 12.66 -16.49 3.50
C ALA B 24 13.79 -16.73 2.51
N SER B 25 13.44 -17.03 1.25
CA SER B 25 14.39 -17.14 0.16
C SER B 25 13.73 -16.68 -1.15
N GLY B 26 14.55 -16.34 -2.14
CA GLY B 26 14.06 -15.97 -3.47
C GLY B 26 13.65 -14.52 -3.65
N TYR B 27 13.93 -13.69 -2.65
CA TYR B 27 13.68 -12.26 -2.76
C TYR B 27 14.52 -11.46 -1.78
N THR B 28 14.52 -10.14 -1.97
CA THR B 28 15.21 -9.22 -1.08
C THR B 28 14.39 -9.10 0.22
N PHE B 29 14.90 -9.71 1.28
CA PHE B 29 14.20 -9.88 2.56
C PHE B 29 13.69 -8.57 3.18
N THR B 30 14.57 -7.57 3.29
CA THR B 30 14.22 -6.31 3.96
C THR B 30 13.17 -5.50 3.21
N SER B 31 12.93 -5.83 1.93
CA SER B 31 11.98 -5.09 1.11
C SER B 31 10.50 -5.39 1.40
N TYR B 32 10.23 -6.52 2.08
CA TYR B 32 8.86 -6.94 2.32
C TYR B 32 8.53 -7.14 3.80
N VAL B 33 7.36 -6.61 4.19
CA VAL B 33 6.79 -6.87 5.51
C VAL B 33 6.35 -8.33 5.63
N MET B 34 6.54 -8.90 6.82
CA MET B 34 6.14 -10.27 7.12
C MET B 34 5.06 -10.25 8.19
N HIS B 35 3.97 -10.98 7.96
CA HIS B 35 2.87 -11.12 8.92
C HIS B 35 2.81 -12.52 9.53
N TRP B 36 2.17 -12.61 10.69
CA TRP B 36 1.92 -13.87 11.36
C TRP B 36 0.43 -14.02 11.63
N VAL B 37 -0.05 -15.26 11.55
CA VAL B 37 -1.45 -15.59 11.75
C VAL B 37 -1.57 -16.82 12.65
N LYS B 38 -2.60 -16.82 13.49
CA LYS B 38 -2.95 -17.97 14.32
C LYS B 38 -4.22 -18.61 13.78
N GLN B 39 -4.24 -19.94 13.74
CA GLN B 39 -5.44 -20.69 13.35
C GLN B 39 -5.59 -21.94 14.19
N LYS B 40 -6.64 -21.95 15.02
CA LYS B 40 -6.99 -23.11 15.83
C LYS B 40 -7.74 -24.10 14.95
N PRO B 41 -7.61 -25.41 15.24
CA PRO B 41 -8.28 -26.48 14.49
C PRO B 41 -9.71 -26.15 14.07
N GLY B 42 -9.96 -26.18 12.76
CA GLY B 42 -11.30 -26.00 12.20
C GLY B 42 -11.92 -24.63 12.39
N GLN B 43 -11.10 -23.60 12.62
CA GLN B 43 -11.56 -22.24 12.88
C GLN B 43 -10.90 -21.24 11.93
N GLY B 44 -11.28 -19.97 12.07
CA GLY B 44 -10.80 -18.90 11.19
C GLY B 44 -9.37 -18.48 11.41
N LEU B 45 -8.97 -17.44 10.71
CA LEU B 45 -7.62 -16.91 10.76
C LEU B 45 -7.57 -15.66 11.62
N GLU B 46 -6.69 -15.65 12.63
CA GLU B 46 -6.55 -14.51 13.53
C GLU B 46 -5.20 -13.87 13.27
N TRP B 47 -5.21 -12.58 12.96
CA TRP B 47 -3.99 -11.83 12.71
C TRP B 47 -3.28 -11.58 14.04
N ILE B 48 -1.98 -11.82 14.06
CA ILE B 48 -1.17 -11.65 15.26
C ILE B 48 -0.48 -10.28 15.22
N GLY B 49 0.14 -9.99 14.09
CA GLY B 49 0.94 -8.78 13.91
C GLY B 49 1.91 -8.91 12.77
N TYR B 50 2.73 -7.88 12.58
CA TYR B 50 3.71 -7.85 11.50
C TYR B 50 5.06 -7.34 12.00
N ILE B 51 6.10 -7.66 11.24
CA ILE B 51 7.44 -7.12 11.43
C ILE B 51 7.91 -6.52 10.09
N ASN B 52 8.34 -5.27 10.12
CA ASN B 52 9.01 -4.67 8.98
C ASN B 52 10.51 -4.87 9.12
N PRO B 53 11.09 -5.82 8.38
CA PRO B 53 12.50 -6.18 8.62
C PRO B 53 13.50 -5.08 8.25
N TYR B 54 13.06 -4.10 7.47
CA TYR B 54 13.93 -3.00 7.06
C TYR B 54 14.31 -2.08 8.24
N ASN B 55 13.37 -1.85 9.15
CA ASN B 55 13.65 -1.03 10.33
C ASN B 55 13.28 -1.69 11.67
N ASP B 56 12.86 -2.95 11.60
CA ASP B 56 12.42 -3.72 12.77
C ASP B 56 11.20 -3.12 13.50
N ASP B 57 10.37 -2.36 12.77
CA ASP B 57 9.13 -1.87 13.32
C ASP B 57 8.11 -3.00 13.40
N THR B 58 7.26 -2.95 14.43
CA THR B 58 6.24 -3.97 14.66
C THR B 58 4.90 -3.34 15.05
N ASN B 59 3.83 -4.08 14.78
CA ASN B 59 2.51 -3.77 15.32
C ASN B 59 1.78 -5.06 15.60
N TYR B 60 0.88 -5.03 16.58
CA TYR B 60 0.15 -6.24 16.98
C TYR B 60 -1.33 -5.99 17.09
N ASN B 61 -2.09 -7.03 16.81
CA ASN B 61 -3.47 -7.18 17.25
C ASN B 61 -3.43 -7.14 18.79
N GLU B 62 -4.29 -6.31 19.39
CA GLU B 62 -4.41 -6.22 20.84
C GLU B 62 -4.38 -7.57 21.57
N LYS B 63 -5.05 -8.56 20.99
CA LYS B 63 -5.15 -9.90 21.55
C LYS B 63 -3.79 -10.53 21.85
N PHE B 64 -2.77 -10.17 21.08
CA PHE B 64 -1.44 -10.79 21.21
C PHE B 64 -0.35 -9.85 21.72
N LYS B 65 -0.71 -8.61 22.04
CA LYS B 65 0.25 -7.60 22.52
C LYS B 65 1.15 -8.11 23.65
N GLY B 66 0.58 -8.77 24.63
CA GLY B 66 1.38 -9.36 25.70
C GLY B 66 1.98 -10.70 25.33
N LYS B 67 1.32 -11.42 24.42
CA LYS B 67 1.61 -12.81 24.14
C LYS B 67 2.75 -12.99 23.13
N ALA B 68 2.77 -12.18 22.07
CA ALA B 68 3.71 -12.39 20.96
C ALA B 68 4.78 -11.31 20.83
N THR B 69 5.99 -11.74 20.45
CA THR B 69 7.09 -10.82 20.11
C THR B 69 7.68 -11.21 18.75
N LEU B 70 7.62 -10.28 17.81
CA LEU B 70 8.14 -10.52 16.46
C LEU B 70 9.49 -9.85 16.28
N THR B 71 10.41 -10.57 15.64
CA THR B 71 11.75 -10.07 15.34
C THR B 71 12.23 -10.58 13.99
N SER B 72 13.32 -10.01 13.49
CA SER B 72 13.90 -10.45 12.23
C SER B 72 15.40 -10.27 12.25
N ASP B 73 16.08 -11.15 11.54
CA ASP B 73 17.52 -11.09 11.39
C ASP B 73 17.82 -10.94 9.89
N LYS B 74 18.36 -9.78 9.52
CA LYS B 74 18.62 -9.47 8.11
C LYS B 74 19.61 -10.41 7.46
N SER B 75 20.64 -10.81 8.21
CA SER B 75 21.68 -11.67 7.69
C SER B 75 21.13 -13.02 7.25
N SER B 76 20.33 -13.65 8.13
CA SER B 76 19.80 -14.98 7.88
C SER B 76 18.50 -14.99 7.09
N SER B 77 18.00 -13.81 6.71
CA SER B 77 16.71 -13.67 6.03
C SER B 77 15.61 -14.47 6.74
N THR B 78 15.50 -14.26 8.04
CA THR B 78 14.59 -15.04 8.87
C THR B 78 13.75 -14.16 9.79
N ALA B 79 12.43 -14.36 9.77
CA ALA B 79 11.51 -13.73 10.73
C ALA B 79 11.23 -14.72 11.86
N TYR B 80 11.10 -14.20 13.08
CA TYR B 80 10.84 -15.03 14.25
C TYR B 80 9.60 -14.56 15.01
N MET B 81 8.92 -15.52 15.65
CA MET B 81 7.85 -15.21 16.60
C MET B 81 8.09 -15.93 17.91
N GLU B 82 8.16 -15.13 18.99
CA GLU B 82 8.28 -15.65 20.34
C GLU B 82 6.92 -15.54 21.01
N LEU B 83 6.42 -16.68 21.50
CA LEU B 83 5.17 -16.72 22.26
C LEU B 83 5.51 -17.02 23.70
N SER B 84 4.94 -16.26 24.63
CA SER B 84 5.30 -16.35 26.04
C SER B 84 4.11 -16.72 26.90
N SER B 85 4.40 -17.17 28.13
CA SER B 85 3.37 -17.54 29.10
C SER B 85 2.36 -18.53 28.51
N LEU B 86 2.88 -19.59 27.89
CA LEU B 86 2.04 -20.49 27.10
C LEU B 86 1.03 -21.28 27.93
N THR B 87 -0.16 -21.47 27.37
CA THR B 87 -1.17 -22.41 27.88
C THR B 87 -1.73 -23.22 26.71
N SER B 88 -2.59 -24.19 27.04
CA SER B 88 -3.24 -25.03 26.03
C SER B 88 -4.07 -24.25 25.00
N GLU B 89 -4.56 -23.06 25.39
CA GLU B 89 -5.31 -22.19 24.48
C GLU B 89 -4.45 -21.65 23.33
N ASP B 90 -3.12 -21.72 23.48
CA ASP B 90 -2.19 -21.31 22.44
C ASP B 90 -1.87 -22.45 21.47
N SER B 91 -2.37 -23.66 21.74
CA SER B 91 -2.19 -24.78 20.82
C SER B 91 -2.96 -24.47 19.55
N ALA B 92 -2.24 -24.47 18.43
CA ALA B 92 -2.77 -24.00 17.16
C ALA B 92 -1.72 -24.17 16.08
N VAL B 93 -2.13 -23.87 14.85
CA VAL B 93 -1.18 -23.73 13.74
C VAL B 93 -0.84 -22.26 13.60
N TYR B 94 0.43 -21.97 13.43
CA TYR B 94 0.89 -20.61 13.20
C TYR B 94 1.52 -20.45 11.82
N TYR B 95 1.07 -19.43 11.08
CA TYR B 95 1.51 -19.18 9.72
C TYR B 95 2.26 -17.85 9.65
N CYS B 96 3.34 -17.81 8.86
CA CYS B 96 3.92 -16.53 8.42
C CYS B 96 3.47 -16.29 6.98
N ALA B 97 3.36 -15.02 6.60
CA ALA B 97 3.02 -14.63 5.24
C ALA B 97 3.71 -13.33 4.87
N ARG B 98 4.16 -13.24 3.62
CA ARG B 98 4.76 -12.03 3.10
C ARG B 98 3.69 -11.14 2.47
N GLU B 99 3.65 -9.87 2.85
CA GLU B 99 2.77 -8.87 2.22
C GLU B 99 3.47 -8.27 1.01
N ASP B 100 2.80 -8.32 -0.13
CA ASP B 100 3.33 -7.83 -1.40
C ASP B 100 3.14 -6.32 -1.53
N TYR B 101 4.02 -5.66 -2.28
CA TYR B 101 3.80 -4.27 -2.72
C TYR B 101 2.54 -4.15 -3.58
N TYR B 102 2.22 -5.23 -4.30
CA TYR B 102 1.09 -5.26 -5.21
C TYR B 102 -0.23 -5.33 -4.43
N GLY B 103 -0.79 -4.15 -4.14
CA GLY B 103 -2.08 -4.06 -3.45
C GLY B 103 -2.13 -4.56 -2.02
N SER B 104 -0.97 -4.82 -1.42
CA SER B 104 -0.86 -5.39 -0.06
C SER B 104 -1.43 -6.80 0.04
N ARG B 105 -1.34 -7.53 -1.06
CA ARG B 105 -1.84 -8.92 -1.13
C ARG B 105 -0.80 -9.86 -0.49
N TRP B 106 -1.28 -10.96 0.11
CA TRP B 106 -0.40 -11.96 0.71
C TRP B 106 -0.30 -13.14 -0.25
N GLY B 107 0.64 -13.07 -1.19
CA GLY B 107 0.77 -14.08 -2.24
C GLY B 107 1.58 -15.30 -1.83
N TYR B 108 2.41 -15.18 -0.80
CA TYR B 108 3.27 -16.29 -0.36
C TYR B 108 3.14 -16.55 1.14
N TRP B 109 2.91 -17.82 1.48
CA TRP B 109 2.70 -18.24 2.85
C TRP B 109 3.66 -19.35 3.19
N GLY B 110 4.11 -19.39 4.44
CA GLY B 110 4.76 -20.57 5.00
C GLY B 110 3.78 -21.73 5.12
N GLN B 111 4.31 -22.92 5.37
CA GLN B 111 3.50 -24.15 5.41
C GLN B 111 2.76 -24.33 6.75
N GLY B 112 3.17 -23.59 7.76
CA GLY B 112 2.55 -23.64 9.08
C GLY B 112 3.39 -24.38 10.09
N THR B 113 3.39 -23.89 11.33
CA THR B 113 4.01 -24.58 12.46
C THR B 113 2.90 -24.90 13.46
N THR B 114 2.78 -26.16 13.84
CA THR B 114 1.77 -26.60 14.79
C THR B 114 2.38 -26.60 16.19
N LEU B 115 1.80 -25.85 17.11
CA LEU B 115 2.27 -25.81 18.49
C LEU B 115 1.32 -26.62 19.35
N THR B 116 1.89 -27.50 20.18
CA THR B 116 1.16 -28.17 21.24
C THR B 116 1.74 -27.69 22.56
N VAL B 117 0.89 -27.14 23.41
CA VAL B 117 1.31 -26.71 24.74
C VAL B 117 0.71 -27.72 25.71
N SER B 118 1.52 -28.66 26.14
CA SER B 118 1.03 -29.74 26.96
C SER B 118 2.04 -30.26 27.95
N SER B 119 1.51 -30.86 28.99
CA SER B 119 2.28 -31.38 30.09
C SER B 119 2.54 -32.88 29.91
N ALA B 120 1.77 -33.52 29.03
CA ALA B 120 1.94 -34.95 28.73
C ALA B 120 3.32 -35.24 28.15
N LYS B 121 3.81 -36.44 28.41
CA LYS B 121 5.15 -36.85 27.99
C LYS B 121 5.14 -37.38 26.57
N THR B 122 6.28 -37.26 25.89
CA THR B 122 6.42 -37.78 24.53
C THR B 122 6.41 -39.30 24.57
N THR B 123 5.64 -39.91 23.66
CA THR B 123 5.45 -41.36 23.64
C THR B 123 5.37 -41.87 22.21
N PRO B 124 6.16 -42.90 21.87
CA PRO B 124 6.08 -43.45 20.50
C PRO B 124 4.79 -44.28 20.23
N PRO B 125 4.42 -44.41 18.95
CA PRO B 125 3.24 -45.19 18.59
C PRO B 125 3.52 -46.67 18.60
N SER B 126 2.47 -47.46 18.84
CA SER B 126 2.50 -48.88 18.55
C SER B 126 1.71 -49.05 17.26
N VAL B 127 2.32 -49.73 16.30
CA VAL B 127 1.75 -49.90 14.98
C VAL B 127 1.30 -51.34 14.80
N TYR B 128 0.01 -51.51 14.48
CA TYR B 128 -0.59 -52.83 14.33
C TYR B 128 -1.15 -52.98 12.93
N PRO B 129 -0.83 -54.09 12.25
CA PRO B 129 -1.43 -54.36 10.95
C PRO B 129 -2.85 -54.87 11.07
N LEU B 130 -3.76 -54.36 10.25
CA LEU B 130 -5.11 -54.90 10.18
C LEU B 130 -5.30 -55.65 8.87
N ALA B 131 -5.25 -56.98 8.94
CA ALA B 131 -5.58 -57.85 7.82
C ALA B 131 -7.06 -58.25 7.92
N PRO B 132 -7.70 -58.60 6.79
CA PRO B 132 -9.11 -59.02 6.79
C PRO B 132 -9.42 -60.18 7.74
N SER B 140 -13.25 -57.91 -7.37
CA SER B 140 -13.43 -57.47 -5.99
C SER B 140 -12.20 -56.69 -5.50
N MET B 141 -12.45 -55.71 -4.63
CA MET B 141 -11.40 -54.97 -3.96
C MET B 141 -11.20 -55.52 -2.56
N VAL B 142 -10.02 -55.29 -1.98
CA VAL B 142 -9.74 -55.62 -0.59
C VAL B 142 -9.29 -54.37 0.17
N THR B 143 -9.87 -54.14 1.34
CA THR B 143 -9.44 -53.06 2.22
C THR B 143 -8.57 -53.61 3.34
N LEU B 144 -7.39 -53.02 3.50
CA LEU B 144 -6.46 -53.38 4.55
C LEU B 144 -6.31 -52.19 5.50
N GLY B 145 -5.82 -52.44 6.71
CA GLY B 145 -5.73 -51.38 7.71
C GLY B 145 -4.40 -51.31 8.45
N CYS B 146 -4.24 -50.21 9.17
CA CYS B 146 -3.04 -49.95 9.95
C CYS B 146 -3.49 -49.11 11.14
N LEU B 147 -3.29 -49.62 12.35
CA LEU B 147 -3.66 -48.93 13.58
C LEU B 147 -2.40 -48.37 14.26
N VAL B 148 -2.39 -47.06 14.49
CA VAL B 148 -1.27 -46.38 15.13
C VAL B 148 -1.73 -45.85 16.49
N LYS B 149 -1.34 -46.56 17.55
CA LYS B 149 -1.96 -46.37 18.84
C LYS B 149 -1.01 -45.78 19.88
N GLY B 150 -1.53 -44.87 20.70
CA GLY B 150 -0.87 -44.45 21.93
C GLY B 150 0.42 -43.66 21.75
N TYR B 151 0.38 -42.63 20.93
CA TYR B 151 1.54 -41.76 20.75
C TYR B 151 1.27 -40.33 21.22
N PHE B 152 2.34 -39.60 21.45
CA PHE B 152 2.25 -38.18 21.79
C PHE B 152 3.59 -37.51 21.56
N PRO B 153 3.58 -36.28 21.00
CA PRO B 153 2.44 -35.51 20.51
C PRO B 153 2.14 -35.84 19.04
N GLU B 154 1.25 -35.05 18.44
CA GLU B 154 1.14 -34.99 16.98
C GLU B 154 2.44 -34.38 16.44
N PRO B 155 2.77 -34.64 15.16
CA PRO B 155 2.06 -35.46 14.19
C PRO B 155 2.70 -36.84 14.02
N VAL B 156 1.95 -37.71 13.34
CA VAL B 156 2.50 -38.93 12.79
C VAL B 156 2.37 -38.78 11.28
N THR B 157 3.15 -39.57 10.54
CA THR B 157 3.06 -39.59 9.08
C THR B 157 2.91 -41.04 8.66
N VAL B 158 1.79 -41.36 8.02
CA VAL B 158 1.54 -42.71 7.52
C VAL B 158 1.58 -42.72 5.99
N THR B 159 2.27 -43.71 5.43
CA THR B 159 2.22 -43.97 4.00
C THR B 159 2.08 -45.47 3.76
N TRP B 160 1.78 -45.83 2.51
CA TRP B 160 1.64 -47.22 2.12
C TRP B 160 2.55 -47.48 0.92
N ASN B 161 3.37 -48.53 1.01
CA ASN B 161 4.40 -48.84 0.00
C ASN B 161 5.27 -47.62 -0.34
N SER B 162 5.52 -46.79 0.66
CA SER B 162 6.20 -45.50 0.50
C SER B 162 5.51 -44.63 -0.57
N GLY B 163 4.21 -44.42 -0.40
CA GLY B 163 3.44 -43.53 -1.28
C GLY B 163 2.89 -44.13 -2.56
N SER B 164 3.26 -45.38 -2.86
CA SER B 164 2.85 -46.04 -4.12
C SER B 164 1.34 -46.26 -4.21
N LEU B 165 0.70 -46.52 -3.06
CA LEU B 165 -0.73 -46.83 -3.02
C LEU B 165 -1.61 -45.63 -2.66
N SER B 166 -1.03 -44.43 -2.67
CA SER B 166 -1.70 -43.18 -2.31
C SER B 166 -3.16 -43.06 -2.77
N SER B 167 -3.48 -43.67 -3.91
CA SER B 167 -4.81 -43.58 -4.52
C SER B 167 -5.98 -43.91 -3.59
N GLY B 168 -6.04 -45.15 -3.09
CA GLY B 168 -7.20 -45.61 -2.32
C GLY B 168 -7.04 -45.51 -0.82
N VAL B 169 -6.37 -44.47 -0.34
CA VAL B 169 -6.03 -44.36 1.07
C VAL B 169 -6.89 -43.33 1.82
N HIS B 170 -7.30 -43.71 3.03
CA HIS B 170 -7.95 -42.80 3.97
C HIS B 170 -7.21 -42.90 5.30
N THR B 171 -6.47 -41.85 5.64
CA THR B 171 -5.84 -41.75 6.94
C THR B 171 -6.65 -40.77 7.77
N PHE B 172 -7.25 -41.28 8.84
CA PHE B 172 -8.23 -40.52 9.59
C PHE B 172 -7.52 -39.64 10.60
N PRO B 173 -8.17 -38.52 11.00
CA PRO B 173 -7.57 -37.63 12.01
C PRO B 173 -7.38 -38.33 13.36
N ALA B 174 -6.28 -38.01 14.04
CA ALA B 174 -5.99 -38.59 15.35
C ALA B 174 -7.01 -38.13 16.40
N VAL B 175 -7.37 -39.02 17.32
CA VAL B 175 -8.24 -38.67 18.44
C VAL B 175 -7.46 -38.85 19.76
N LEU B 176 -7.51 -37.81 20.59
CA LEU B 176 -6.79 -37.78 21.86
C LEU B 176 -7.63 -38.43 22.96
N GLN B 177 -7.04 -39.39 23.65
CA GLN B 177 -7.67 -40.07 24.78
C GLN B 177 -6.60 -40.35 25.85
N SER B 178 -6.88 -39.96 27.09
CA SER B 178 -5.98 -40.23 28.21
C SER B 178 -4.55 -39.77 27.89
N ASP B 179 -4.44 -38.55 27.37
CA ASP B 179 -3.17 -37.92 27.01
C ASP B 179 -2.36 -38.72 25.97
N LEU B 180 -3.07 -39.43 25.09
CA LEU B 180 -2.44 -40.18 23.99
C LEU B 180 -3.32 -40.16 22.74
N TYR B 181 -2.68 -40.04 21.58
CA TYR B 181 -3.39 -40.06 20.32
C TYR B 181 -3.45 -41.46 19.72
N THR B 182 -4.53 -41.72 19.00
CA THR B 182 -4.70 -42.94 18.24
C THR B 182 -5.34 -42.57 16.89
N LEU B 183 -4.80 -43.13 15.82
CA LEU B 183 -5.45 -43.05 14.52
C LEU B 183 -5.31 -44.35 13.76
N SER B 184 -6.07 -44.44 12.69
CA SER B 184 -6.05 -45.59 11.80
C SER B 184 -6.01 -45.09 10.36
N SER B 185 -5.57 -45.97 9.47
CA SER B 185 -5.47 -45.69 8.05
C SER B 185 -5.96 -46.90 7.28
N SER B 186 -6.84 -46.70 6.30
CA SER B 186 -7.31 -47.78 5.44
C SER B 186 -6.73 -47.61 4.05
N VAL B 187 -6.48 -48.73 3.39
CA VAL B 187 -6.07 -48.75 1.98
C VAL B 187 -6.88 -49.80 1.24
N THR B 188 -7.40 -49.44 0.06
CA THR B 188 -8.19 -50.36 -0.74
C THR B 188 -7.43 -50.69 -2.01
N VAL B 189 -7.26 -51.98 -2.29
CA VAL B 189 -6.58 -52.44 -3.50
C VAL B 189 -7.33 -53.62 -4.12
N PRO B 190 -7.11 -53.88 -5.43
CA PRO B 190 -7.74 -55.03 -6.06
C PRO B 190 -7.33 -56.35 -5.42
N SER B 191 -8.29 -57.26 -5.27
CA SER B 191 -8.07 -58.55 -4.61
C SER B 191 -7.03 -59.42 -5.33
N SER B 192 -6.72 -59.09 -6.58
CA SER B 192 -5.65 -59.75 -7.32
C SER B 192 -4.26 -59.30 -6.86
N THR B 193 -4.14 -58.03 -6.45
CA THR B 193 -2.85 -57.48 -6.03
C THR B 193 -2.42 -57.95 -4.63
N TRP B 194 -3.39 -58.26 -3.79
CA TRP B 194 -3.10 -58.71 -2.42
C TRP B 194 -3.81 -60.03 -2.09
N PRO B 195 -3.10 -60.98 -1.44
CA PRO B 195 -1.75 -60.88 -0.89
C PRO B 195 -0.62 -61.32 -1.83
N SER B 196 -0.89 -61.40 -3.14
CA SER B 196 0.14 -61.83 -4.10
C SER B 196 1.34 -60.87 -4.10
N GLU B 197 1.08 -59.59 -3.89
CA GLU B 197 2.14 -58.59 -3.75
C GLU B 197 2.03 -57.95 -2.36
N THR B 198 3.17 -57.55 -1.80
CA THR B 198 3.23 -57.11 -0.42
C THR B 198 2.73 -55.67 -0.22
N VAL B 199 1.78 -55.50 0.68
CA VAL B 199 1.36 -54.16 1.13
C VAL B 199 1.92 -53.93 2.54
N THR B 200 2.32 -52.70 2.81
CA THR B 200 3.01 -52.35 4.06
C THR B 200 2.75 -50.89 4.42
N CYS B 201 2.31 -50.62 5.65
CA CYS B 201 2.15 -49.24 6.12
C CYS B 201 3.43 -48.76 6.81
N ASN B 202 3.83 -47.53 6.46
CA ASN B 202 5.05 -46.94 6.98
C ASN B 202 4.65 -45.79 7.87
N VAL B 203 5.09 -45.80 9.12
CA VAL B 203 4.69 -44.80 10.10
C VAL B 203 5.91 -44.10 10.67
N ALA B 204 5.91 -42.77 10.58
CA ALA B 204 6.97 -41.94 11.12
C ALA B 204 6.43 -41.07 12.25
N HIS B 205 7.12 -41.10 13.39
CA HIS B 205 6.81 -40.22 14.51
C HIS B 205 8.11 -39.50 14.84
N PRO B 206 8.35 -38.34 14.21
CA PRO B 206 9.61 -37.63 14.37
C PRO B 206 9.93 -37.25 15.83
N ALA B 207 8.91 -36.96 16.63
CA ALA B 207 9.12 -36.54 18.02
C ALA B 207 9.82 -37.60 18.86
N SER B 208 9.64 -38.87 18.50
CA SER B 208 10.31 -40.00 19.17
C SER B 208 11.33 -40.67 18.27
N SER B 209 11.66 -40.05 17.13
CA SER B 209 12.59 -40.61 16.15
C SER B 209 12.21 -42.06 15.78
N THR B 210 10.96 -42.23 15.36
CA THR B 210 10.39 -43.55 15.06
C THR B 210 10.07 -43.71 13.58
N LYS B 211 10.67 -44.73 12.96
CA LYS B 211 10.31 -45.16 11.61
C LYS B 211 10.01 -46.65 11.61
N VAL B 212 8.73 -47.01 11.52
CA VAL B 212 8.34 -48.42 11.55
C VAL B 212 7.54 -48.85 10.32
N ASP B 213 7.92 -50.00 9.75
CA ASP B 213 7.19 -50.63 8.66
C ASP B 213 6.53 -51.91 9.14
N LYS B 214 5.24 -52.07 8.82
CA LYS B 214 4.50 -53.29 9.14
C LYS B 214 3.84 -53.83 7.87
N LYS B 215 4.26 -55.03 7.45
CA LYS B 215 3.69 -55.70 6.29
C LYS B 215 2.35 -56.33 6.67
N ILE B 216 1.34 -56.14 5.81
CA ILE B 216 0.00 -56.65 6.08
C ILE B 216 -0.07 -58.11 5.63
N VAL B 217 -0.02 -59.03 6.60
CA VAL B 217 0.06 -60.46 6.34
C VAL B 217 -1.28 -61.12 6.69
N PRO B 218 -1.76 -62.04 5.84
CA PRO B 218 -3.00 -62.74 6.15
C PRO B 218 -2.90 -63.60 7.41
N ARG B 219 -4.01 -63.69 8.14
CA ARG B 219 -4.07 -64.44 9.39
C ARG B 219 -4.18 -65.93 9.08
N ASP C 1 -8.65 13.63 8.59
CA ASP C 1 -8.57 12.49 9.56
C ASP C 1 -7.14 12.36 10.06
N ILE C 2 -6.22 12.04 9.14
CA ILE C 2 -4.79 11.99 9.42
C ILE C 2 -4.14 13.14 8.66
N VAL C 3 -3.56 14.09 9.39
CA VAL C 3 -2.96 15.29 8.78
C VAL C 3 -1.44 15.22 8.85
N LEU C 4 -0.78 15.80 7.84
CA LEU C 4 0.66 15.78 7.73
C LEU C 4 1.23 17.16 8.01
N THR C 5 2.09 17.25 9.02
CA THR C 5 2.82 18.49 9.30
C THR C 5 4.26 18.35 8.82
N GLN C 6 4.60 19.10 7.77
CA GLN C 6 5.93 19.05 7.19
C GLN C 6 6.75 20.23 7.72
N SER C 7 8.02 19.96 8.04
CA SER C 7 8.90 20.98 8.61
C SER C 7 10.35 20.77 8.19
N PRO C 8 11.12 21.86 8.04
CA PRO C 8 10.72 23.27 8.11
C PRO C 8 10.09 23.72 6.79
N ALA C 9 9.49 24.91 6.76
CA ALA C 9 8.93 25.46 5.52
C ALA C 9 10.05 25.77 4.51
N SER C 10 11.18 26.27 5.03
CA SER C 10 12.34 26.61 4.22
C SER C 10 13.60 26.10 4.89
N LEU C 11 14.52 25.65 4.06
CA LEU C 11 15.76 25.04 4.51
C LEU C 11 16.91 25.53 3.61
N ALA C 12 17.95 26.07 4.23
CA ALA C 12 19.16 26.48 3.52
C ALA C 12 20.32 25.54 3.92
N VAL C 13 20.93 24.89 2.94
CA VAL C 13 22.03 23.93 3.21
C VAL C 13 23.23 24.22 2.31
N SER C 14 24.43 24.15 2.88
CA SER C 14 25.66 24.31 2.11
C SER C 14 25.85 23.13 1.16
N LEU C 15 26.37 23.44 -0.03
CA LEU C 15 26.75 22.43 -1.01
C LEU C 15 27.69 21.40 -0.36
N GLY C 16 27.32 20.13 -0.43
CA GLY C 16 28.05 19.07 0.27
C GLY C 16 27.43 18.66 1.61
N GLN C 17 26.81 19.61 2.32
CA GLN C 17 26.15 19.31 3.61
C GLN C 17 24.98 18.32 3.46
N ARG C 18 24.37 17.97 4.58
CA ARG C 18 23.19 17.12 4.59
C ARG C 18 21.93 17.96 4.78
N ALA C 19 20.90 17.66 3.98
CA ALA C 19 19.55 18.21 4.17
C ALA C 19 18.67 17.15 4.84
N THR C 20 17.96 17.54 5.89
CA THR C 20 16.99 16.66 6.56
C THR C 20 15.61 17.30 6.59
N ILE C 21 14.65 16.70 5.90
CA ILE C 21 13.28 17.20 5.87
C ILE C 21 12.37 16.25 6.64
N SER C 22 11.48 16.81 7.46
CA SER C 22 10.66 16.02 8.36
C SER C 22 9.17 16.10 8.01
N CYS C 23 8.48 14.99 8.21
CA CYS C 23 7.04 14.89 8.00
C CYS C 23 6.44 14.14 9.19
N ARG C 24 5.47 14.76 9.84
CA ARG C 24 4.78 14.13 10.98
C ARG C 24 3.30 13.93 10.68
N ALA C 25 2.82 12.72 10.94
CA ALA C 25 1.41 12.36 10.80
C ALA C 25 0.73 12.43 12.16
N SER C 26 -0.51 12.93 12.19
CA SER C 26 -1.27 13.09 13.44
C SER C 26 -1.61 11.76 14.10
N LYS C 27 -1.72 10.70 13.30
CA LYS C 27 -1.86 9.31 13.78
C LYS C 27 -0.89 8.45 12.99
N SER C 28 -0.68 7.21 13.44
CA SER C 28 0.24 6.30 12.75
C SER C 28 -0.32 5.84 11.40
N VAL C 29 0.56 5.84 10.39
CA VAL C 29 0.22 5.35 9.05
C VAL C 29 0.93 4.01 8.74
N SER C 30 1.26 3.24 9.78
CA SER C 30 2.04 2.00 9.63
C SER C 30 1.38 0.83 10.36
N THR C 31 0.12 0.97 10.73
CA THR C 31 -0.56 0.00 11.60
C THR C 31 -0.89 -1.34 10.93
N SER C 32 -0.82 -1.40 9.60
CA SER C 32 -1.22 -2.60 8.87
C SER C 32 -0.06 -3.30 8.15
N GLY C 33 1.10 -2.65 8.04
CA GLY C 33 2.27 -3.25 7.41
C GLY C 33 3.23 -2.24 6.83
N TYR C 34 2.86 -1.69 5.67
CA TYR C 34 3.69 -0.67 5.00
C TYR C 34 3.32 0.74 5.46
N SER C 35 4.33 1.60 5.53
CA SER C 35 4.13 3.02 5.82
C SER C 35 3.82 3.71 4.50
N TYR C 36 2.55 3.97 4.24
CA TYR C 36 2.12 4.51 2.94
C TYR C 36 2.46 6.00 2.78
N MET C 37 3.75 6.30 2.89
CA MET C 37 4.25 7.66 2.80
C MET C 37 5.22 7.76 1.63
N HIS C 38 5.03 8.78 0.80
CA HIS C 38 5.83 8.98 -0.40
C HIS C 38 6.45 10.36 -0.37
N TRP C 39 7.56 10.56 -1.07
CA TRP C 39 8.24 11.86 -1.15
C TRP C 39 8.39 12.29 -2.60
N TYR C 40 8.13 13.57 -2.86
CA TYR C 40 8.18 14.12 -4.21
C TYR C 40 9.05 15.38 -4.24
N GLN C 41 9.67 15.63 -5.39
CA GLN C 41 10.46 16.83 -5.63
C GLN C 41 9.82 17.61 -6.77
N GLN C 42 9.68 18.92 -6.60
CA GLN C 42 9.13 19.78 -7.66
C GLN C 42 10.02 20.99 -7.94
N LYS C 43 10.33 21.20 -9.22
CA LYS C 43 11.04 22.38 -9.68
C LYS C 43 10.09 23.28 -10.48
N PRO C 44 10.37 24.60 -10.52
CA PRO C 44 9.47 25.54 -11.20
C PRO C 44 9.09 25.12 -12.62
N GLY C 45 7.81 25.25 -12.94
CA GLY C 45 7.31 24.96 -14.28
C GLY C 45 7.25 23.48 -14.63
N GLN C 46 7.35 22.62 -13.62
CA GLN C 46 7.36 21.17 -13.83
C GLN C 46 6.43 20.46 -12.83
N PRO C 47 5.93 19.27 -13.20
CA PRO C 47 5.19 18.47 -12.22
C PRO C 47 6.08 17.95 -11.09
N PRO C 48 5.48 17.52 -9.98
CA PRO C 48 6.23 16.82 -8.94
C PRO C 48 6.83 15.51 -9.47
N LYS C 49 8.01 15.17 -8.98
CA LYS C 49 8.68 13.94 -9.34
C LYS C 49 8.77 13.01 -8.12
N LEU C 50 8.38 11.76 -8.28
CA LEU C 50 8.45 10.78 -7.19
C LEU C 50 9.91 10.37 -6.93
N LEU C 51 10.33 10.45 -5.68
CA LEU C 51 11.70 10.12 -5.28
C LEU C 51 11.75 8.85 -4.43
N ILE C 52 10.97 8.85 -3.35
CA ILE C 52 10.91 7.73 -2.41
C ILE C 52 9.48 7.25 -2.31
N TYR C 53 9.27 5.94 -2.40
CA TYR C 53 7.94 5.37 -2.13
C TYR C 53 7.99 4.43 -0.92
N LEU C 54 6.86 4.36 -0.23
CA LEU C 54 6.67 3.62 1.02
C LEU C 54 7.76 3.91 2.05
N ALA C 55 8.06 5.20 2.23
CA ALA C 55 8.95 5.71 3.25
C ALA C 55 10.43 5.56 2.92
N SER C 56 10.83 4.40 2.40
CA SER C 56 12.26 4.06 2.29
C SER C 56 12.77 3.60 0.92
N ASN C 57 11.88 3.38 -0.06
CA ASN C 57 12.30 2.80 -1.33
C ASN C 57 12.55 3.85 -2.42
N LEU C 58 13.75 3.82 -3.01
CA LEU C 58 14.10 4.74 -4.07
C LEU C 58 13.38 4.40 -5.37
N GLU C 59 12.80 5.43 -6.01
CA GLU C 59 12.27 5.29 -7.36
C GLU C 59 13.42 4.99 -8.31
N SER C 60 13.13 4.30 -9.40
CA SER C 60 14.16 3.99 -10.39
C SER C 60 14.71 5.28 -10.99
N GLY C 61 16.03 5.35 -11.12
CA GLY C 61 16.71 6.47 -11.74
C GLY C 61 16.98 7.64 -10.80
N VAL C 62 16.63 7.44 -9.52
CA VAL C 62 16.81 8.46 -8.49
C VAL C 62 18.14 8.19 -7.81
N PRO C 63 19.03 9.20 -7.72
CA PRO C 63 20.36 8.98 -7.16
C PRO C 63 20.33 8.50 -5.70
N ALA C 64 21.32 7.70 -5.31
CA ALA C 64 21.42 7.19 -3.93
C ALA C 64 21.73 8.29 -2.90
N ARG C 65 21.92 9.51 -3.40
CA ARG C 65 22.00 10.71 -2.59
C ARG C 65 20.75 10.92 -1.73
N PHE C 66 19.59 10.57 -2.28
CA PHE C 66 18.33 10.63 -1.55
C PHE C 66 18.08 9.34 -0.78
N SER C 67 17.67 9.47 0.48
CA SER C 67 17.19 8.34 1.27
C SER C 67 16.04 8.75 2.19
N GLY C 68 15.16 7.80 2.48
CA GLY C 68 14.00 8.06 3.32
C GLY C 68 13.94 7.06 4.46
N SER C 69 13.44 7.51 5.60
CA SER C 69 13.25 6.66 6.77
C SER C 69 12.02 7.07 7.59
N GLY C 70 11.75 6.28 8.62
CA GLY C 70 10.68 6.57 9.55
C GLY C 70 9.60 5.52 9.54
N SER C 71 8.77 5.56 10.57
CA SER C 71 7.60 4.70 10.67
C SER C 71 6.66 5.31 11.71
N GLY C 72 5.40 4.88 11.68
CA GLY C 72 4.42 5.36 12.64
C GLY C 72 4.00 6.76 12.29
N THR C 73 4.46 7.74 13.08
CA THR C 73 4.07 9.13 12.88
C THR C 73 5.19 10.00 12.31
N ASP C 74 6.45 9.57 12.40
CA ASP C 74 7.56 10.45 12.05
C ASP C 74 8.42 9.94 10.87
N PHE C 75 8.55 10.77 9.84
CA PHE C 75 9.26 10.39 8.62
C PHE C 75 10.27 11.44 8.21
N THR C 76 11.38 10.99 7.63
CA THR C 76 12.43 11.91 7.20
C THR C 76 12.88 11.59 5.79
N LEU C 77 13.10 12.69 5.04
CA LEU C 77 13.80 12.64 3.78
C LEU C 77 15.20 13.23 4.02
N ASN C 78 16.23 12.46 3.67
CA ASN C 78 17.61 12.90 3.77
C ASN C 78 18.26 13.01 2.40
N ILE C 79 19.00 14.10 2.19
CA ILE C 79 19.77 14.33 0.97
C ILE C 79 21.20 14.66 1.39
N HIS C 80 22.15 13.84 0.94
CA HIS C 80 23.54 13.98 1.37
C HIS C 80 24.42 13.21 0.39
N PRO C 81 25.42 13.87 -0.22
CA PRO C 81 25.75 15.31 -0.16
C PRO C 81 24.80 16.15 -0.99
N VAL C 82 24.35 17.29 -0.46
CA VAL C 82 23.49 18.19 -1.21
C VAL C 82 24.22 18.79 -2.41
N GLU C 83 23.57 18.75 -3.57
CA GLU C 83 24.07 19.34 -4.81
C GLU C 83 23.14 20.45 -5.31
N GLU C 84 23.64 21.30 -6.21
CA GLU C 84 22.89 22.46 -6.73
C GLU C 84 21.57 22.07 -7.36
N GLU C 85 21.55 20.91 -8.04
CA GLU C 85 20.34 20.41 -8.69
C GLU C 85 19.26 19.94 -7.70
N ASP C 86 19.61 19.84 -6.42
CA ASP C 86 18.65 19.49 -5.37
C ASP C 86 17.75 20.66 -4.94
N ALA C 87 18.12 21.88 -5.32
CA ALA C 87 17.30 23.07 -5.04
C ALA C 87 15.91 22.90 -5.63
N ALA C 88 14.92 22.80 -4.76
CA ALA C 88 13.56 22.44 -5.16
C ALA C 88 12.65 22.50 -3.95
N THR C 89 11.35 22.32 -4.20
CA THR C 89 10.39 22.11 -3.13
C THR C 89 10.11 20.62 -2.98
N TYR C 90 10.07 20.16 -1.73
CA TYR C 90 9.86 18.74 -1.45
C TYR C 90 8.55 18.54 -0.70
N TYR C 91 7.77 17.54 -1.11
CA TYR C 91 6.49 17.22 -0.46
C TYR C 91 6.40 15.75 -0.04
N CYS C 92 6.00 15.51 1.21
CA CYS C 92 5.56 14.19 1.63
C CYS C 92 4.07 14.04 1.26
N GLN C 93 3.64 12.79 1.13
CA GLN C 93 2.28 12.46 0.78
C GLN C 93 1.84 11.18 1.51
N HIS C 94 0.61 11.20 2.06
CA HIS C 94 -0.04 10.00 2.53
C HIS C 94 -1.07 9.57 1.49
N SER C 95 -0.82 8.44 0.84
CA SER C 95 -1.60 8.02 -0.34
C SER C 95 -2.80 7.13 -0.03
N ARG C 96 -3.11 6.95 1.25
CA ARG C 96 -4.19 6.07 1.66
C ARG C 96 -5.12 6.78 2.63
N GLU C 97 -6.19 6.08 3.03
CA GLU C 97 -7.22 6.56 3.97
C GLU C 97 -7.92 7.87 3.56
N LEU C 98 -7.14 8.92 3.37
CA LEU C 98 -7.60 10.19 2.83
C LEU C 98 -6.34 10.89 2.32
N LEU C 99 -6.30 11.10 1.00
CA LEU C 99 -5.09 11.50 0.32
C LEU C 99 -4.76 12.93 0.66
N THR C 100 -3.55 13.15 1.18
CA THR C 100 -3.06 14.49 1.47
C THR C 100 -1.58 14.61 1.20
N PHE C 101 -1.16 15.85 0.98
CA PHE C 101 0.23 16.22 0.84
C PHE C 101 0.57 17.12 2.01
N GLY C 102 1.82 17.07 2.46
CA GLY C 102 2.34 18.08 3.38
C GLY C 102 2.40 19.44 2.68
N ALA C 103 2.60 20.51 3.45
CA ALA C 103 2.62 21.87 2.91
C ALA C 103 3.85 22.18 2.06
N GLY C 104 4.90 21.35 2.18
CA GLY C 104 6.09 21.49 1.35
C GLY C 104 7.26 22.14 2.06
N THR C 105 8.46 21.77 1.65
CA THR C 105 9.68 22.35 2.19
C THR C 105 10.53 22.82 1.02
N LYS C 106 10.93 24.08 1.05
CA LYS C 106 11.71 24.66 -0.03
C LYS C 106 13.20 24.55 0.36
N LEU C 107 13.95 23.77 -0.40
CA LEU C 107 15.38 23.59 -0.17
C LEU C 107 16.20 24.55 -1.04
N GLU C 108 17.05 25.34 -0.39
CA GLU C 108 17.92 26.30 -1.07
C GLU C 108 19.37 26.13 -0.56
N LEU C 109 20.32 26.69 -1.30
CA LEU C 109 21.73 26.71 -0.90
C LEU C 109 22.05 27.87 0.03
N LYS C 110 22.97 27.65 0.96
CA LYS C 110 23.41 28.74 1.82
C LYS C 110 24.79 29.24 1.42
N ARG C 111 25.03 30.51 1.69
CA ARG C 111 26.30 31.13 1.40
C ARG C 111 26.61 32.17 2.47
N ALA C 112 27.73 32.87 2.32
CA ALA C 112 28.06 33.97 3.20
C ALA C 112 27.02 35.08 3.07
N ASP C 113 26.83 35.85 4.13
CA ASP C 113 25.91 36.98 4.10
C ASP C 113 26.45 38.05 3.16
N ALA C 114 25.55 38.73 2.47
CA ALA C 114 25.90 39.78 1.53
C ALA C 114 24.85 40.87 1.61
N ALA C 115 25.27 42.10 1.87
CA ALA C 115 24.36 43.24 1.94
C ALA C 115 23.87 43.60 0.54
N PRO C 116 22.62 44.08 0.44
CA PRO C 116 22.05 44.44 -0.86
C PRO C 116 22.67 45.68 -1.48
N THR C 117 22.59 45.77 -2.81
CA THR C 117 22.90 46.99 -3.54
C THR C 117 21.57 47.67 -3.87
N VAL C 118 21.35 48.85 -3.29
CA VAL C 118 20.06 49.54 -3.38
C VAL C 118 20.10 50.68 -4.38
N SER C 119 19.03 50.80 -5.17
CA SER C 119 18.91 51.84 -6.18
C SER C 119 17.46 52.30 -6.23
N ILE C 120 17.25 53.61 -6.31
CA ILE C 120 15.93 54.20 -6.32
C ILE C 120 15.69 54.97 -7.62
N PHE C 121 14.48 54.87 -8.15
CA PHE C 121 14.13 55.44 -9.44
C PHE C 121 12.81 56.22 -9.35
N PRO C 122 12.86 57.53 -9.68
CA PRO C 122 11.62 58.29 -9.78
C PRO C 122 10.79 57.85 -10.97
N PRO C 123 9.47 58.14 -10.96
CA PRO C 123 8.62 57.81 -12.09
C PRO C 123 9.11 58.46 -13.39
N SER C 124 9.08 57.71 -14.49
CA SER C 124 9.46 58.23 -15.80
C SER C 124 8.49 59.33 -16.24
N SER C 125 9.00 60.25 -17.05
CA SER C 125 8.17 61.32 -17.62
C SER C 125 7.05 60.75 -18.48
N GLU C 126 7.34 59.66 -19.20
CA GLU C 126 6.34 58.92 -19.96
C GLU C 126 5.15 58.48 -19.12
N GLN C 127 5.41 57.91 -17.96
CA GLN C 127 4.33 57.46 -17.06
C GLN C 127 3.53 58.66 -16.54
N LEU C 128 4.25 59.69 -16.09
CA LEU C 128 3.63 60.95 -15.62
C LEU C 128 2.67 61.57 -16.63
N THR C 129 3.02 61.53 -17.92
CA THR C 129 2.12 62.05 -18.97
C THR C 129 0.83 61.23 -19.07
N SER C 130 0.92 59.94 -18.74
CA SER C 130 -0.23 59.03 -18.72
C SER C 130 -1.05 59.14 -17.44
N GLY C 131 -0.55 59.88 -16.45
CA GLY C 131 -1.26 60.13 -15.19
C GLY C 131 -0.91 59.19 -14.06
N GLY C 132 0.13 58.37 -14.24
CA GLY C 132 0.60 57.45 -13.21
C GLY C 132 1.90 57.94 -12.59
N ALA C 133 2.26 57.35 -11.45
CA ALA C 133 3.54 57.65 -10.79
C ALA C 133 3.99 56.47 -9.93
N SER C 134 4.92 55.68 -10.46
CA SER C 134 5.46 54.56 -9.72
C SER C 134 6.89 54.89 -9.29
N VAL C 135 7.19 54.65 -8.02
CA VAL C 135 8.55 54.77 -7.52
C VAL C 135 9.09 53.36 -7.30
N VAL C 136 10.20 53.04 -7.95
CA VAL C 136 10.77 51.70 -7.91
C VAL C 136 12.10 51.70 -7.14
N CYS C 137 12.25 50.70 -6.26
CA CYS C 137 13.47 50.51 -5.48
C CYS C 137 13.97 49.06 -5.70
N PHE C 138 15.19 48.89 -6.20
CA PHE C 138 15.79 47.56 -6.33
C PHE C 138 16.73 47.27 -5.16
N LEU C 139 16.67 46.06 -4.64
CA LEU C 139 17.57 45.60 -3.60
C LEU C 139 18.24 44.33 -4.12
N ASN C 140 19.43 44.47 -4.68
CA ASN C 140 20.03 43.41 -5.49
C ASN C 140 21.20 42.65 -4.85
N ASN C 141 21.24 41.35 -5.15
CA ASN C 141 22.35 40.46 -4.76
C ASN C 141 22.64 40.44 -3.27
N PHE C 142 21.65 40.05 -2.47
CA PHE C 142 21.84 39.95 -1.03
C PHE C 142 21.60 38.53 -0.51
N TYR C 143 22.03 38.30 0.73
CA TYR C 143 21.82 37.02 1.40
C TYR C 143 21.90 37.25 2.92
N PRO C 144 21.00 36.62 3.69
CA PRO C 144 19.93 35.68 3.34
C PRO C 144 18.72 36.33 2.68
N LYS C 145 17.69 35.53 2.38
CA LYS C 145 16.50 36.00 1.68
C LYS C 145 15.67 36.98 2.49
N ASP C 146 15.63 36.79 3.81
CA ASP C 146 14.82 37.63 4.67
C ASP C 146 15.40 39.05 4.66
N ILE C 147 14.53 40.02 4.44
CA ILE C 147 14.93 41.42 4.34
C ILE C 147 13.69 42.29 4.46
N ASN C 148 13.87 43.50 4.99
CA ASN C 148 12.74 44.41 5.16
C ASN C 148 12.90 45.66 4.31
N VAL C 149 11.78 46.20 3.83
CA VAL C 149 11.75 47.39 3.00
C VAL C 149 10.73 48.39 3.54
N LYS C 150 11.20 49.57 3.90
CA LYS C 150 10.30 50.64 4.35
C LYS C 150 10.46 51.86 3.45
N TRP C 151 9.33 52.47 3.12
CA TRP C 151 9.29 53.67 2.30
C TRP C 151 9.01 54.86 3.18
N LYS C 152 9.59 56.00 2.81
CA LYS C 152 9.31 57.26 3.50
C LYS C 152 9.05 58.36 2.48
N ILE C 153 8.12 59.25 2.80
CA ILE C 153 7.78 60.39 1.95
C ILE C 153 7.77 61.63 2.83
N ASP C 154 8.70 62.54 2.57
CA ASP C 154 8.96 63.69 3.44
C ASP C 154 9.17 63.24 4.89
N GLY C 155 9.97 62.20 5.06
CA GLY C 155 10.34 61.70 6.38
C GLY C 155 9.30 60.82 7.07
N SER C 156 8.22 60.47 6.38
CA SER C 156 7.09 59.77 7.01
C SER C 156 6.78 58.43 6.34
N GLU C 157 6.59 57.40 7.16
CA GLU C 157 6.37 56.04 6.68
C GLU C 157 5.13 55.90 5.79
N ARG C 158 5.29 55.22 4.66
CA ARG C 158 4.20 54.94 3.73
C ARG C 158 4.07 53.43 3.55
N GLN C 159 2.83 52.92 3.70
CA GLN C 159 2.57 51.49 3.59
C GLN C 159 1.62 51.12 2.44
N ASN C 160 0.59 51.94 2.22
CA ASN C 160 -0.36 51.70 1.13
C ASN C 160 0.27 51.85 -0.25
N GLY C 161 -0.15 51.00 -1.18
CA GLY C 161 0.33 51.05 -2.57
C GLY C 161 1.69 50.42 -2.82
N VAL C 162 2.16 49.61 -1.88
CA VAL C 162 3.47 48.98 -1.98
C VAL C 162 3.36 47.51 -2.37
N LEU C 163 4.06 47.12 -3.44
CA LEU C 163 4.09 45.73 -3.88
C LEU C 163 5.54 45.26 -4.02
N ASN C 164 5.84 44.12 -3.40
CA ASN C 164 7.19 43.58 -3.40
C ASN C 164 7.28 42.29 -4.20
N SER C 165 8.48 42.03 -4.74
CA SER C 165 8.72 40.85 -5.56
C SER C 165 10.15 40.37 -5.41
N TRP C 166 10.32 39.13 -4.96
CA TRP C 166 11.63 38.50 -4.84
C TRP C 166 11.90 37.60 -6.03
N THR C 167 13.12 37.68 -6.56
CA THR C 167 13.63 36.67 -7.49
C THR C 167 13.92 35.34 -6.75
N ASP C 168 13.98 34.25 -7.50
CA ASP C 168 14.46 32.98 -6.96
C ASP C 168 15.96 33.11 -6.69
N GLN C 169 16.52 32.17 -5.93
CA GLN C 169 17.94 32.16 -5.67
C GLN C 169 18.74 32.15 -6.98
N ASP C 170 19.76 33.01 -7.06
CA ASP C 170 20.58 33.16 -8.26
C ASP C 170 21.44 31.91 -8.48
N SER C 171 21.37 31.37 -9.70
CA SER C 171 22.03 30.12 -10.03
C SER C 171 23.56 30.20 -10.01
N LYS C 172 24.10 31.40 -10.21
CA LYS C 172 25.55 31.60 -10.25
C LYS C 172 26.14 31.86 -8.86
N ASP C 173 25.59 32.86 -8.15
CA ASP C 173 26.18 33.29 -6.88
C ASP C 173 25.32 33.06 -5.64
N SER C 174 24.18 32.39 -5.80
CA SER C 174 23.32 31.98 -4.66
C SER C 174 22.75 33.14 -3.84
N THR C 175 22.70 34.34 -4.41
CA THR C 175 22.08 35.49 -3.76
C THR C 175 20.61 35.61 -4.14
N TYR C 176 19.91 36.53 -3.47
CA TYR C 176 18.56 36.91 -3.81
C TYR C 176 18.54 38.39 -4.19
N SER C 177 17.48 38.77 -4.89
CA SER C 177 17.22 40.16 -5.20
C SER C 177 15.74 40.42 -5.01
N MET C 178 15.39 41.67 -4.78
CA MET C 178 14.03 42.07 -4.52
C MET C 178 13.72 43.44 -5.16
N SER C 179 12.49 43.58 -5.60
CA SER C 179 11.97 44.85 -6.10
C SER C 179 10.90 45.34 -5.13
N SER C 180 10.95 46.64 -4.82
CA SER C 180 9.88 47.27 -4.06
C SER C 180 9.33 48.43 -4.89
N THR C 181 8.01 48.42 -5.12
CA THR C 181 7.36 49.40 -5.98
C THR C 181 6.23 50.16 -5.24
N LEU C 182 6.43 51.47 -5.09
CA LEU C 182 5.45 52.34 -4.47
C LEU C 182 4.62 53.02 -5.56
N THR C 183 3.37 52.58 -5.72
CA THR C 183 2.50 53.13 -6.76
C THR C 183 1.57 54.19 -6.16
N LEU C 184 1.51 55.34 -6.83
CA LEU C 184 0.66 56.44 -6.40
C LEU C 184 0.31 57.33 -7.59
N THR C 185 -0.81 58.04 -7.49
CA THR C 185 -1.26 58.85 -8.62
C THR C 185 -0.27 59.99 -8.86
N LYS C 186 -0.33 60.57 -10.07
CA LYS C 186 0.52 61.71 -10.43
C LYS C 186 0.31 62.87 -9.44
N ASP C 187 -0.94 63.18 -9.13
CA ASP C 187 -1.27 64.29 -8.22
C ASP C 187 -0.73 64.05 -6.80
N GLU C 188 -0.79 62.80 -6.34
CA GLU C 188 -0.23 62.43 -5.05
C GLU C 188 1.30 62.60 -5.02
N TYR C 189 1.96 62.17 -6.09
CA TYR C 189 3.42 62.25 -6.22
C TYR C 189 3.93 63.68 -6.20
N GLU C 190 3.26 64.55 -6.95
CA GLU C 190 3.66 65.95 -7.08
C GLU C 190 3.45 66.74 -5.78
N ARG C 191 2.66 66.17 -4.87
CA ARG C 191 2.32 66.83 -3.62
C ARG C 191 3.42 66.70 -2.55
N HIS C 192 4.41 65.85 -2.80
CA HIS C 192 5.51 65.63 -1.84
C HIS C 192 6.84 65.82 -2.54
N ASN C 193 7.90 65.98 -1.76
CA ASN C 193 9.19 66.42 -2.29
C ASN C 193 10.28 65.36 -2.28
N SER C 194 10.45 64.66 -1.15
CA SER C 194 11.48 63.63 -1.04
C SER C 194 10.87 62.24 -0.90
N TYR C 195 11.55 61.26 -1.51
CA TYR C 195 11.16 59.87 -1.45
C TYR C 195 12.37 59.06 -1.04
N THR C 196 12.18 58.17 -0.08
CA THR C 196 13.27 57.33 0.44
C THR C 196 12.79 55.90 0.61
N CYS C 197 13.56 54.94 0.10
CA CYS C 197 13.37 53.52 0.43
C CYS C 197 14.57 53.08 1.28
N GLU C 198 14.29 52.36 2.36
CA GLU C 198 15.35 51.87 3.24
C GLU C 198 15.27 50.36 3.36
N ALA C 199 16.44 49.72 3.28
CA ALA C 199 16.55 48.26 3.39
C ALA C 199 17.15 47.86 4.73
N THR C 200 16.42 47.07 5.51
CA THR C 200 16.92 46.47 6.75
C THR C 200 17.27 45.02 6.49
N HIS C 201 18.48 44.63 6.84
CA HIS C 201 19.00 43.30 6.53
C HIS C 201 19.89 42.77 7.66
N LYS C 202 20.07 41.45 7.70
CA LYS C 202 20.91 40.79 8.72
C LYS C 202 22.36 41.30 8.73
N THR C 203 22.88 41.64 7.56
CA THR C 203 24.27 42.06 7.40
C THR C 203 24.57 43.36 8.13
N SER C 204 23.94 44.44 7.68
CA SER C 204 24.15 45.75 8.26
C SER C 204 23.38 45.86 9.57
N THR C 205 23.90 46.68 10.48
CA THR C 205 23.21 46.97 11.73
C THR C 205 22.12 48.00 11.46
N SER C 206 22.50 49.09 10.81
CA SER C 206 21.57 50.13 10.39
C SER C 206 21.10 49.85 8.97
N PRO C 207 19.93 50.41 8.58
CA PRO C 207 19.41 50.15 7.23
C PRO C 207 20.10 50.98 6.13
N ILE C 208 20.19 50.39 4.95
CA ILE C 208 20.77 51.07 3.77
C ILE C 208 19.70 51.96 3.14
N VAL C 209 20.04 53.23 2.91
CA VAL C 209 19.08 54.25 2.53
C VAL C 209 19.41 54.90 1.19
N LYS C 210 18.41 54.99 0.31
CA LYS C 210 18.54 55.71 -0.96
C LYS C 210 17.33 56.64 -1.16
N SER C 211 17.59 57.85 -1.66
CA SER C 211 16.53 58.87 -1.80
C SER C 211 16.76 59.81 -2.97
N PHE C 212 15.74 60.62 -3.26
CA PHE C 212 15.81 61.63 -4.32
C PHE C 212 14.79 62.75 -4.09
N ASN C 213 15.04 63.91 -4.70
CA ASN C 213 14.07 65.02 -4.78
C ASN C 213 13.41 65.07 -6.16
N ARG C 214 12.17 65.54 -6.24
CA ARG C 214 11.47 65.68 -7.53
C ARG C 214 12.14 66.60 -8.55
N ASN C 215 12.88 67.61 -8.11
CA ASN C 215 13.61 68.47 -9.04
C ASN C 215 14.79 67.74 -9.69
N GLU D 1 7.09 3.38 -22.86
CA GLU D 1 7.19 4.68 -22.15
C GLU D 1 5.80 5.18 -21.79
N VAL D 2 5.49 5.18 -20.50
CA VAL D 2 4.22 5.69 -20.01
C VAL D 2 4.22 7.21 -20.15
N LYS D 3 3.13 7.77 -20.68
CA LYS D 3 3.05 9.21 -20.91
C LYS D 3 1.64 9.74 -20.66
N LEU D 4 1.57 10.85 -19.91
CA LEU D 4 0.33 11.58 -19.75
C LEU D 4 0.47 12.95 -20.39
N GLN D 5 -0.35 13.22 -21.39
CA GLN D 5 -0.32 14.49 -22.12
C GLN D 5 -1.58 15.26 -21.81
N GLN D 6 -1.41 16.37 -21.08
CA GLN D 6 -2.54 17.24 -20.72
C GLN D 6 -2.78 18.29 -21.79
N SER D 7 -3.98 18.84 -21.81
CA SER D 7 -4.35 19.88 -22.78
C SER D 7 -3.63 21.19 -22.47
N GLY D 8 -3.56 22.09 -23.46
CA GLY D 8 -2.81 23.34 -23.33
C GLY D 8 -3.46 24.35 -22.40
N PRO D 9 -2.79 25.48 -22.16
CA PRO D 9 -3.30 26.48 -21.22
C PRO D 9 -4.67 27.04 -21.63
N GLU D 10 -5.44 27.48 -20.65
CA GLU D 10 -6.80 27.94 -20.89
C GLU D 10 -7.06 29.26 -20.16
N LEU D 11 -7.68 30.20 -20.88
CA LEU D 11 -8.04 31.49 -20.33
C LEU D 11 -9.53 31.69 -20.53
N VAL D 12 -10.27 31.89 -19.44
CA VAL D 12 -11.71 31.98 -19.48
C VAL D 12 -12.22 33.12 -18.58
N LYS D 13 -13.46 33.56 -18.82
CA LYS D 13 -14.05 34.60 -18.00
C LYS D 13 -14.69 34.01 -16.75
N PRO D 14 -14.89 34.84 -15.70
CA PRO D 14 -15.66 34.39 -14.55
C PRO D 14 -17.09 34.04 -14.95
N GLY D 15 -17.62 32.96 -14.38
CA GLY D 15 -18.92 32.42 -14.77
C GLY D 15 -18.82 31.25 -15.73
N ALA D 16 -17.74 31.21 -16.51
CA ALA D 16 -17.53 30.16 -17.50
C ALA D 16 -17.25 28.79 -16.87
N SER D 17 -17.17 27.78 -17.74
CA SER D 17 -16.71 26.45 -17.36
C SER D 17 -15.61 26.02 -18.32
N VAL D 18 -14.90 24.96 -17.97
CA VAL D 18 -13.84 24.44 -18.82
C VAL D 18 -13.71 22.92 -18.66
N LYS D 19 -13.18 22.26 -19.68
CA LYS D 19 -12.96 20.82 -19.66
C LYS D 19 -11.52 20.50 -20.04
N MET D 20 -10.76 20.00 -19.08
CA MET D 20 -9.35 19.68 -19.28
C MET D 20 -9.21 18.20 -19.58
N SER D 21 -8.21 17.84 -20.38
CA SER D 21 -8.01 16.45 -20.79
C SER D 21 -6.64 15.92 -20.38
N CYS D 22 -6.58 14.61 -20.19
CA CYS D 22 -5.33 13.93 -19.86
C CYS D 22 -5.27 12.65 -20.66
N LYS D 23 -4.48 12.67 -21.73
CA LYS D 23 -4.38 11.53 -22.65
C LYS D 23 -3.21 10.64 -22.26
N ALA D 24 -3.49 9.34 -22.12
CA ALA D 24 -2.50 8.39 -21.63
C ALA D 24 -1.99 7.52 -22.78
N SER D 25 -0.75 7.05 -22.67
CA SER D 25 -0.20 6.14 -23.66
C SER D 25 0.96 5.33 -23.08
N GLY D 26 1.17 4.13 -23.63
CA GLY D 26 2.25 3.24 -23.18
C GLY D 26 1.87 2.28 -22.06
N TYR D 27 0.57 2.12 -21.81
CA TYR D 27 0.07 1.16 -20.84
C TYR D 27 -1.41 0.89 -21.06
N THR D 28 -1.95 -0.15 -20.42
CA THR D 28 -3.37 -0.48 -20.53
C THR D 28 -4.21 0.47 -19.67
N PHE D 29 -4.86 1.41 -20.36
CA PHE D 29 -5.56 2.54 -19.75
C PHE D 29 -6.55 2.19 -18.63
N THR D 30 -7.33 1.11 -18.79
CA THR D 30 -8.35 0.76 -17.78
C THR D 30 -7.80 0.13 -16.51
N SER D 31 -6.53 -0.29 -16.54
CA SER D 31 -5.93 -1.00 -15.41
C SER D 31 -5.37 -0.07 -14.33
N TYR D 32 -5.50 1.25 -14.50
CA TYR D 32 -4.92 2.20 -13.56
C TYR D 32 -5.86 3.33 -13.20
N VAL D 33 -5.91 3.66 -11.92
CA VAL D 33 -6.67 4.81 -11.44
C VAL D 33 -5.95 6.13 -11.79
N MET D 34 -6.71 7.13 -12.19
CA MET D 34 -6.17 8.46 -12.49
C MET D 34 -6.64 9.46 -11.45
N HIS D 35 -5.69 10.17 -10.85
CA HIS D 35 -5.97 11.24 -9.89
C HIS D 35 -5.82 12.61 -10.52
N TRP D 36 -6.50 13.59 -9.91
CA TRP D 36 -6.36 15.01 -10.30
C TRP D 36 -5.95 15.85 -9.11
N VAL D 37 -5.12 16.86 -9.37
CA VAL D 37 -4.54 17.69 -8.32
C VAL D 37 -4.54 19.15 -8.73
N LYS D 38 -4.79 20.03 -7.76
CA LYS D 38 -4.76 21.47 -7.96
C LYS D 38 -3.57 22.08 -7.23
N GLN D 39 -2.80 22.90 -7.93
CA GLN D 39 -1.70 23.65 -7.32
C GLN D 39 -1.80 25.14 -7.67
N LYS D 40 -2.08 25.97 -6.67
CA LYS D 40 -2.09 27.41 -6.89
C LYS D 40 -0.64 27.90 -6.96
N PRO D 41 -0.40 29.00 -7.72
CA PRO D 41 0.92 29.62 -7.80
C PRO D 41 1.62 29.72 -6.45
N GLY D 42 2.85 29.20 -6.38
CA GLY D 42 3.66 29.26 -5.15
C GLY D 42 3.09 28.54 -3.94
N GLN D 43 2.07 27.71 -4.15
CA GLN D 43 1.38 27.03 -3.06
C GLN D 43 1.49 25.51 -3.23
N GLY D 44 0.92 24.78 -2.26
CA GLY D 44 1.03 23.33 -2.20
C GLY D 44 0.11 22.59 -3.14
N LEU D 45 0.04 21.27 -2.96
CA LEU D 45 -0.75 20.39 -3.80
C LEU D 45 -2.04 20.02 -3.07
N GLU D 46 -3.17 20.14 -3.77
CA GLU D 46 -4.48 19.77 -3.23
C GLU D 46 -5.10 18.68 -4.09
N TRP D 47 -5.48 17.57 -3.46
CA TRP D 47 -6.16 16.48 -4.15
C TRP D 47 -7.59 16.88 -4.52
N ILE D 48 -7.97 16.64 -5.77
CA ILE D 48 -9.34 16.89 -6.24
C ILE D 48 -10.18 15.61 -6.16
N GLY D 49 -9.64 14.53 -6.72
CA GLY D 49 -10.39 13.30 -6.85
C GLY D 49 -9.75 12.34 -7.83
N TYR D 50 -10.40 11.19 -8.02
CA TYR D 50 -9.92 10.20 -8.96
C TYR D 50 -11.08 9.62 -9.78
N ILE D 51 -10.76 9.11 -10.95
CA ILE D 51 -11.64 8.25 -11.72
C ILE D 51 -10.94 6.92 -11.96
N ASN D 52 -11.69 5.83 -11.79
CA ASN D 52 -11.22 4.50 -12.12
C ASN D 52 -11.81 4.14 -13.48
N PRO D 53 -11.00 4.21 -14.55
CA PRO D 53 -11.52 3.89 -15.89
C PRO D 53 -12.05 2.46 -16.07
N TYR D 54 -11.66 1.54 -15.17
CA TYR D 54 -12.14 0.16 -15.21
C TYR D 54 -13.65 0.06 -15.06
N ASN D 55 -14.20 0.83 -14.12
CA ASN D 55 -15.63 0.82 -13.81
C ASN D 55 -16.27 2.21 -13.74
N ASP D 56 -15.53 3.25 -14.15
CA ASP D 56 -16.02 4.65 -14.14
C ASP D 56 -16.39 5.17 -12.75
N ASP D 57 -15.92 4.48 -11.72
CA ASP D 57 -16.17 4.91 -10.35
C ASP D 57 -15.30 6.11 -10.03
N THR D 58 -15.83 7.01 -9.20
CA THR D 58 -15.13 8.25 -8.86
C THR D 58 -15.13 8.51 -7.36
N ASN D 59 -14.16 9.29 -6.91
CA ASN D 59 -14.19 9.85 -5.55
C ASN D 59 -13.63 11.27 -5.57
N TYR D 60 -14.07 12.09 -4.63
CA TYR D 60 -13.74 13.51 -4.61
C TYR D 60 -13.31 13.95 -3.23
N ASN D 61 -12.33 14.86 -3.19
CA ASN D 61 -12.00 15.58 -1.95
C ASN D 61 -13.14 16.52 -1.60
N GLU D 62 -13.77 16.28 -0.45
CA GLU D 62 -14.96 17.03 -0.07
C GLU D 62 -14.61 18.46 0.32
N LYS D 63 -13.36 18.69 0.69
CA LYS D 63 -12.89 20.01 1.10
C LYS D 63 -12.59 20.91 -0.10
N PHE D 64 -12.47 20.32 -1.28
CA PHE D 64 -12.28 21.08 -2.52
C PHE D 64 -13.45 22.03 -2.77
N LYS D 65 -13.15 23.30 -3.03
CA LYS D 65 -14.17 24.36 -3.11
C LYS D 65 -14.76 24.53 -4.52
N GLY D 66 -14.04 24.10 -5.55
CA GLY D 66 -14.52 24.18 -6.92
C GLY D 66 -15.58 23.13 -7.23
N LYS D 67 -16.21 23.26 -8.40
CA LYS D 67 -17.21 22.31 -8.90
C LYS D 67 -16.60 21.42 -9.97
N ALA D 68 -16.09 20.28 -9.54
CA ALA D 68 -15.36 19.36 -10.41
C ALA D 68 -16.22 18.17 -10.81
N THR D 69 -16.04 17.73 -12.06
CA THR D 69 -16.62 16.48 -12.53
C THR D 69 -15.56 15.70 -13.30
N LEU D 70 -15.28 14.48 -12.84
CA LEU D 70 -14.26 13.63 -13.47
C LEU D 70 -14.90 12.56 -14.33
N THR D 71 -14.44 12.43 -15.58
CA THR D 71 -14.91 11.38 -16.48
C THR D 71 -13.72 10.77 -17.22
N SER D 72 -13.99 9.72 -18.00
CA SER D 72 -12.97 9.11 -18.84
C SER D 72 -13.61 8.48 -20.08
N ASP D 73 -12.77 8.28 -21.11
CA ASP D 73 -13.18 7.60 -22.34
C ASP D 73 -12.15 6.50 -22.64
N LYS D 74 -12.60 5.25 -22.59
CA LYS D 74 -11.74 4.09 -22.83
C LYS D 74 -11.09 4.11 -24.22
N SER D 75 -11.90 4.39 -25.25
CA SER D 75 -11.44 4.30 -26.64
C SER D 75 -10.27 5.24 -26.94
N SER D 76 -10.36 6.46 -26.42
CA SER D 76 -9.32 7.47 -26.62
C SER D 76 -8.31 7.52 -25.47
N SER D 77 -8.44 6.61 -24.50
CA SER D 77 -7.55 6.55 -23.33
C SER D 77 -7.33 7.94 -22.74
N THR D 78 -8.42 8.67 -22.53
CA THR D 78 -8.35 10.04 -22.03
C THR D 78 -9.21 10.19 -20.77
N ALA D 79 -8.62 10.82 -19.76
CA ALA D 79 -9.35 11.23 -18.55
C ALA D 79 -9.65 12.73 -18.65
N TYR D 80 -10.82 13.12 -18.17
CA TYR D 80 -11.31 14.50 -18.28
C TYR D 80 -11.68 15.09 -16.91
N MET D 81 -11.33 16.35 -16.71
CA MET D 81 -11.85 17.13 -15.59
C MET D 81 -12.60 18.35 -16.11
N GLU D 82 -13.85 18.47 -15.65
CA GLU D 82 -14.70 19.61 -15.98
C GLU D 82 -14.80 20.47 -14.71
N LEU D 83 -14.61 21.77 -14.85
CA LEU D 83 -14.73 22.75 -13.76
C LEU D 83 -15.75 23.80 -14.14
N SER D 84 -16.76 24.00 -13.30
CA SER D 84 -17.90 24.89 -13.60
C SER D 84 -17.93 26.09 -12.68
N SER D 85 -18.78 27.06 -13.03
CA SER D 85 -18.99 28.28 -12.21
C SER D 85 -17.68 28.94 -11.79
N LEU D 86 -16.82 29.21 -12.75
CA LEU D 86 -15.44 29.59 -12.45
C LEU D 86 -15.32 31.02 -11.91
N THR D 87 -14.38 31.19 -10.96
CA THR D 87 -13.99 32.50 -10.45
C THR D 87 -12.47 32.53 -10.43
N SER D 88 -11.90 33.67 -10.04
CA SER D 88 -10.44 33.82 -10.01
C SER D 88 -9.76 32.85 -9.05
N GLU D 89 -10.46 32.43 -8.01
CA GLU D 89 -9.90 31.46 -7.05
C GLU D 89 -9.72 30.06 -7.64
N ASP D 90 -10.31 29.82 -8.81
CA ASP D 90 -10.07 28.59 -9.58
C ASP D 90 -8.77 28.64 -10.40
N SER D 91 -8.11 29.81 -10.47
CA SER D 91 -6.87 29.94 -11.22
C SER D 91 -5.74 29.16 -10.54
N ALA D 92 -5.15 28.23 -11.28
CA ALA D 92 -4.13 27.33 -10.75
C ALA D 92 -3.54 26.49 -11.85
N VAL D 93 -2.53 25.69 -11.50
CA VAL D 93 -2.04 24.64 -12.38
C VAL D 93 -2.73 23.36 -11.93
N TYR D 94 -3.38 22.69 -12.87
CA TYR D 94 -4.05 21.43 -12.58
C TYR D 94 -3.26 20.28 -13.17
N TYR D 95 -3.09 19.22 -12.38
CA TYR D 95 -2.29 18.06 -12.76
C TYR D 95 -3.10 16.79 -12.80
N CYS D 96 -2.72 15.95 -13.75
CA CYS D 96 -3.19 14.61 -13.89
C CYS D 96 -2.07 13.72 -13.35
N ALA D 97 -2.40 12.67 -12.60
CA ALA D 97 -1.40 11.68 -12.18
C ALA D 97 -1.96 10.25 -12.15
N ARG D 98 -1.13 9.29 -12.54
CA ARG D 98 -1.51 7.89 -12.52
C ARG D 98 -1.02 7.25 -11.23
N GLU D 99 -1.90 6.49 -10.55
CA GLU D 99 -1.54 5.78 -9.32
C GLU D 99 -1.12 4.37 -9.67
N ASP D 100 0.06 3.97 -9.18
CA ASP D 100 0.62 2.65 -9.44
C ASP D 100 0.02 1.61 -8.48
N TYR D 101 -0.01 0.35 -8.91
CA TYR D 101 -0.32 -0.77 -8.02
C TYR D 101 0.77 -0.97 -6.97
N TYR D 102 2.00 -0.61 -7.33
CA TYR D 102 3.14 -0.68 -6.41
C TYR D 102 3.00 0.35 -5.30
N GLY D 103 2.44 -0.08 -4.17
CA GLY D 103 2.36 0.75 -2.97
C GLY D 103 1.58 2.04 -3.12
N SER D 104 0.67 2.07 -4.10
CA SER D 104 -0.18 3.22 -4.38
C SER D 104 0.62 4.51 -4.65
N ARG D 105 1.77 4.36 -5.29
CA ARG D 105 2.64 5.50 -5.59
C ARG D 105 2.20 6.16 -6.88
N TRP D 106 2.42 7.47 -6.98
CA TRP D 106 2.05 8.23 -8.17
C TRP D 106 3.32 8.50 -8.96
N GLY D 107 3.70 7.53 -9.81
CA GLY D 107 4.97 7.56 -10.50
C GLY D 107 4.97 8.48 -11.70
N TYR D 108 3.83 8.55 -12.38
CA TYR D 108 3.69 9.31 -13.61
C TYR D 108 2.68 10.44 -13.49
N TRP D 109 3.11 11.64 -13.91
CA TRP D 109 2.30 12.86 -13.85
C TRP D 109 2.22 13.52 -15.22
N GLY D 110 1.06 14.10 -15.54
CA GLY D 110 0.96 14.98 -16.71
C GLY D 110 1.80 16.23 -16.50
N GLN D 111 2.01 17.01 -17.55
CA GLN D 111 2.91 18.18 -17.45
C GLN D 111 2.24 19.40 -16.81
N GLY D 112 0.93 19.32 -16.63
CA GLY D 112 0.13 20.38 -16.00
C GLY D 112 -0.61 21.23 -17.02
N THR D 113 -1.79 21.70 -16.63
CA THR D 113 -2.54 22.69 -17.43
C THR D 113 -2.77 23.93 -16.58
N THR D 114 -2.40 25.09 -17.11
CA THR D 114 -2.63 26.36 -16.43
C THR D 114 -4.00 26.93 -16.79
N LEU D 115 -4.87 27.06 -15.78
CA LEU D 115 -6.17 27.69 -15.94
C LEU D 115 -6.05 29.10 -15.39
N THR D 116 -6.36 30.10 -16.22
CA THR D 116 -6.47 31.48 -15.76
C THR D 116 -7.92 31.95 -15.91
N VAL D 117 -8.50 32.44 -14.81
CA VAL D 117 -9.86 32.98 -14.82
C VAL D 117 -9.77 34.45 -14.42
N SER D 118 -10.21 35.33 -15.31
CA SER D 118 -10.04 36.78 -15.11
C SER D 118 -11.06 37.59 -15.89
N SER D 119 -11.50 38.72 -15.30
CA SER D 119 -12.31 39.71 -16.01
C SER D 119 -11.48 40.59 -16.96
N ALA D 120 -10.15 40.51 -16.85
CA ALA D 120 -9.25 41.28 -17.71
C ALA D 120 -9.24 40.77 -19.15
N LYS D 121 -8.91 41.66 -20.08
CA LYS D 121 -8.81 41.35 -21.51
C LYS D 121 -7.37 41.57 -21.95
N THR D 122 -7.03 41.06 -23.14
CA THR D 122 -5.64 41.09 -23.61
C THR D 122 -5.19 42.55 -23.70
N THR D 123 -4.11 42.87 -22.99
CA THR D 123 -3.62 44.24 -22.85
C THR D 123 -2.11 44.24 -22.98
N PRO D 124 -1.56 45.14 -23.84
CA PRO D 124 -0.12 45.22 -23.94
C PRO D 124 0.49 46.00 -22.78
N PRO D 125 1.77 45.76 -22.49
CA PRO D 125 2.45 46.45 -21.40
C PRO D 125 2.73 47.92 -21.71
N SER D 126 2.73 48.76 -20.67
CA SER D 126 3.42 50.04 -20.71
C SER D 126 4.86 49.77 -20.28
N VAL D 127 5.82 50.20 -21.08
CA VAL D 127 7.24 49.95 -20.85
C VAL D 127 7.91 51.29 -20.57
N TYR D 128 8.24 51.53 -19.31
CA TYR D 128 8.82 52.79 -18.90
C TYR D 128 10.31 52.62 -18.58
N PRO D 129 11.17 53.49 -19.15
CA PRO D 129 12.58 53.47 -18.81
C PRO D 129 12.84 54.09 -17.45
N LEU D 130 13.72 53.49 -16.66
CA LEU D 130 14.05 53.97 -15.32
C LEU D 130 15.52 54.41 -15.27
N ALA D 131 15.73 55.73 -15.30
CA ALA D 131 17.06 56.30 -15.21
C ALA D 131 17.35 56.69 -13.74
N PRO D 132 18.64 56.71 -13.36
CA PRO D 132 19.05 56.97 -11.98
C PRO D 132 18.42 58.21 -11.33
N GLY D 133 18.00 58.05 -10.08
CA GLY D 133 17.60 59.16 -9.19
C GLY D 133 18.49 59.18 -7.97
N SER D 134 18.83 57.99 -7.46
CA SER D 134 19.85 57.85 -6.42
C SER D 134 21.24 58.14 -6.99
N SER D 140 32.91 52.59 -9.77
CA SER D 140 31.55 52.31 -9.32
C SER D 140 30.72 51.69 -10.44
N MET D 141 29.51 51.26 -10.10
CA MET D 141 28.62 50.58 -11.03
C MET D 141 27.27 51.31 -11.06
N VAL D 142 26.69 51.48 -12.25
CA VAL D 142 25.38 52.12 -12.39
C VAL D 142 24.30 51.09 -12.67
N THR D 143 23.18 51.22 -11.95
CA THR D 143 22.04 50.35 -12.16
C THR D 143 20.96 51.13 -12.87
N LEU D 144 20.37 50.49 -13.87
CA LEU D 144 19.28 51.05 -14.64
C LEU D 144 18.07 50.13 -14.50
N GLY D 145 16.92 50.60 -14.93
CA GLY D 145 15.69 49.81 -14.80
C GLY D 145 14.69 49.96 -15.93
N CYS D 146 13.69 49.10 -15.90
CA CYS D 146 12.66 49.04 -16.90
C CYS D 146 11.36 48.57 -16.21
N LEU D 147 10.29 49.37 -16.30
CA LEU D 147 9.03 49.03 -15.65
C LEU D 147 8.04 48.57 -16.71
N VAL D 148 7.48 47.38 -16.51
CA VAL D 148 6.59 46.75 -17.47
C VAL D 148 5.22 46.62 -16.80
N LYS D 149 4.35 47.59 -17.07
CA LYS D 149 3.16 47.77 -16.25
C LYS D 149 1.87 47.55 -17.02
N GLY D 150 0.92 46.87 -16.37
CA GLY D 150 -0.44 46.73 -16.88
C GLY D 150 -0.63 45.86 -18.12
N TYR D 151 -0.03 44.67 -18.14
CA TYR D 151 -0.26 43.74 -19.26
C TYR D 151 -1.14 42.56 -18.86
N PHE D 152 -1.77 41.97 -19.86
CA PHE D 152 -2.49 40.72 -19.67
C PHE D 152 -2.57 39.95 -21.00
N PRO D 153 -2.40 38.61 -20.95
CA PRO D 153 -1.99 37.77 -19.83
C PRO D 153 -0.47 37.63 -19.73
N GLU D 154 -0.02 36.77 -18.82
CA GLU D 154 1.38 36.31 -18.79
C GLU D 154 1.61 35.48 -20.06
N PRO D 155 2.87 35.35 -20.51
CA PRO D 155 4.08 35.97 -20.01
C PRO D 155 4.48 37.22 -20.76
N VAL D 156 5.52 37.86 -20.25
CA VAL D 156 6.27 38.87 -20.97
C VAL D 156 7.74 38.42 -20.91
N THR D 157 8.53 38.75 -21.93
CA THR D 157 9.97 38.45 -21.93
C THR D 157 10.78 39.75 -21.98
N VAL D 158 11.71 39.93 -21.04
CA VAL D 158 12.55 41.14 -21.00
C VAL D 158 14.03 40.82 -21.22
N THR D 159 14.66 41.56 -22.13
CA THR D 159 16.09 41.45 -22.36
C THR D 159 16.73 42.84 -22.42
N TRP D 160 18.05 42.88 -22.29
CA TRP D 160 18.79 44.15 -22.28
C TRP D 160 19.86 44.11 -23.38
N ASN D 161 19.81 45.11 -24.25
CA ASN D 161 20.64 45.11 -25.46
C ASN D 161 20.60 43.76 -26.18
N SER D 162 19.37 43.23 -26.31
CA SER D 162 19.11 41.96 -26.99
C SER D 162 19.93 40.81 -26.41
N GLY D 163 20.04 40.79 -25.08
CA GLY D 163 20.77 39.74 -24.39
C GLY D 163 22.24 40.03 -24.15
N SER D 164 22.76 41.09 -24.78
CA SER D 164 24.18 41.44 -24.63
C SER D 164 24.58 41.72 -23.17
N LEU D 165 23.64 42.18 -22.34
CA LEU D 165 23.98 42.55 -20.96
C LEU D 165 23.45 41.58 -19.90
N SER D 166 23.08 40.37 -20.31
CA SER D 166 22.48 39.36 -19.41
C SER D 166 23.16 39.17 -18.05
N SER D 167 24.47 39.39 -18.00
CA SER D 167 25.27 39.12 -16.80
C SER D 167 24.77 39.82 -15.55
N GLY D 168 24.45 41.10 -15.67
CA GLY D 168 24.02 41.88 -14.52
C GLY D 168 22.55 42.22 -14.56
N VAL D 169 21.72 41.26 -15.00
CA VAL D 169 20.28 41.47 -15.17
C VAL D 169 19.46 40.72 -14.12
N HIS D 170 18.49 41.42 -13.52
CA HIS D 170 17.48 40.80 -12.67
C HIS D 170 16.08 41.21 -13.14
N THR D 171 15.35 40.24 -13.68
CA THR D 171 13.95 40.41 -14.04
C THR D 171 13.08 39.77 -12.96
N PHE D 172 12.23 40.58 -12.33
CA PHE D 172 11.46 40.13 -11.17
C PHE D 172 10.13 39.50 -11.57
N PRO D 173 9.62 38.55 -10.76
CA PRO D 173 8.34 37.90 -11.06
C PRO D 173 7.17 38.87 -11.11
N ALA D 174 6.28 38.70 -12.10
CA ALA D 174 5.08 39.53 -12.23
C ALA D 174 4.21 39.41 -10.99
N VAL D 175 3.57 40.53 -10.62
CA VAL D 175 2.57 40.57 -9.58
C VAL D 175 1.27 41.08 -10.20
N LEU D 176 0.17 40.47 -9.78
CA LEU D 176 -1.15 40.80 -10.30
C LEU D 176 -1.73 41.94 -9.47
N GLN D 177 -2.07 43.04 -10.14
CA GLN D 177 -2.68 44.19 -9.47
C GLN D 177 -3.83 44.76 -10.32
N SER D 178 -5.04 44.71 -9.76
CA SER D 178 -6.25 45.18 -10.43
C SER D 178 -6.44 44.50 -11.79
N ASP D 179 -6.37 43.16 -11.79
CA ASP D 179 -6.59 42.34 -12.98
C ASP D 179 -5.52 42.49 -14.07
N LEU D 180 -4.40 43.13 -13.78
CA LEU D 180 -3.32 43.25 -14.74
C LEU D 180 -1.99 42.94 -14.06
N TYR D 181 -1.00 42.55 -14.87
CA TYR D 181 0.31 42.20 -14.35
C TYR D 181 1.29 43.35 -14.47
N THR D 182 2.18 43.46 -13.49
CA THR D 182 3.28 44.41 -13.51
C THR D 182 4.55 43.71 -13.07
N LEU D 183 5.66 43.97 -13.77
CA LEU D 183 6.98 43.54 -13.32
C LEU D 183 8.03 44.59 -13.65
N SER D 184 9.21 44.40 -13.07
CA SER D 184 10.35 45.26 -13.31
C SER D 184 11.55 44.42 -13.68
N SER D 185 12.55 45.10 -14.24
CA SER D 185 13.82 44.48 -14.57
C SER D 185 14.93 45.49 -14.31
N SER D 186 16.02 45.03 -13.72
CA SER D 186 17.17 45.89 -13.47
C SER D 186 18.36 45.38 -14.26
N VAL D 187 19.23 46.29 -14.67
CA VAL D 187 20.52 45.92 -15.25
C VAL D 187 21.62 46.77 -14.60
N THR D 188 22.72 46.11 -14.24
CA THR D 188 23.84 46.79 -13.61
C THR D 188 25.03 46.79 -14.57
N VAL D 189 25.51 47.99 -14.89
CA VAL D 189 26.62 48.17 -15.82
C VAL D 189 27.62 49.17 -15.22
N PRO D 190 28.89 49.12 -15.65
CA PRO D 190 29.90 50.06 -15.17
C PRO D 190 29.57 51.52 -15.48
N SER D 191 29.93 52.42 -14.56
CA SER D 191 29.66 53.86 -14.73
C SER D 191 30.27 54.43 -16.01
N SER D 192 31.39 53.86 -16.44
CA SER D 192 32.05 54.25 -17.68
C SER D 192 31.26 53.83 -18.94
N THR D 193 30.29 52.93 -18.79
CA THR D 193 29.52 52.43 -19.93
C THR D 193 28.23 53.22 -20.16
N TRP D 194 27.62 53.73 -19.09
CA TRP D 194 26.39 54.53 -19.21
C TRP D 194 26.55 55.86 -18.47
N PRO D 195 26.05 56.97 -19.04
CA PRO D 195 25.26 57.11 -20.27
C PRO D 195 26.04 57.29 -21.57
N SER D 196 27.37 57.21 -21.50
CA SER D 196 28.22 57.35 -22.70
C SER D 196 27.74 56.43 -23.82
N GLU D 197 27.47 55.17 -23.47
CA GLU D 197 26.96 54.19 -24.42
C GLU D 197 25.48 53.92 -24.13
N THR D 198 24.77 53.46 -25.15
CA THR D 198 23.31 53.30 -25.08
C THR D 198 22.91 51.97 -24.44
N VAL D 199 21.95 52.03 -23.52
CA VAL D 199 21.35 50.84 -22.92
C VAL D 199 19.84 50.84 -23.19
N THR D 200 19.34 49.70 -23.64
CA THR D 200 17.95 49.53 -24.08
C THR D 200 17.34 48.25 -23.48
N CYS D 201 16.14 48.34 -22.90
CA CYS D 201 15.36 47.14 -22.56
C CYS D 201 14.40 46.79 -23.69
N ASN D 202 14.38 45.50 -24.02
CA ASN D 202 13.50 44.95 -25.07
C ASN D 202 12.42 44.14 -24.38
N VAL D 203 11.16 44.41 -24.71
CA VAL D 203 10.04 43.71 -24.12
C VAL D 203 9.18 43.08 -25.20
N ALA D 204 8.89 41.79 -25.05
CA ALA D 204 8.01 41.05 -25.95
C ALA D 204 6.79 40.59 -25.16
N HIS D 205 5.60 40.84 -25.72
CA HIS D 205 4.34 40.32 -25.19
C HIS D 205 3.61 39.62 -26.34
N PRO D 206 3.86 38.31 -26.52
CA PRO D 206 3.34 37.56 -27.67
C PRO D 206 1.82 37.61 -27.84
N ALA D 207 1.08 37.58 -26.74
CA ALA D 207 -0.38 37.55 -26.76
C ALA D 207 -0.98 38.76 -27.49
N SER D 208 -0.35 39.92 -27.35
CA SER D 208 -0.75 41.14 -28.08
C SER D 208 0.17 41.43 -29.27
N SER D 209 1.10 40.52 -29.57
CA SER D 209 2.08 40.69 -30.65
C SER D 209 2.79 42.03 -30.51
N THR D 210 3.38 42.23 -29.34
CA THR D 210 4.05 43.46 -28.99
C THR D 210 5.54 43.22 -28.88
N LYS D 211 6.33 44.07 -29.53
CA LYS D 211 7.78 44.08 -29.36
C LYS D 211 8.24 45.53 -29.27
N VAL D 212 8.72 45.91 -28.08
CA VAL D 212 9.10 47.29 -27.79
C VAL D 212 10.56 47.37 -27.33
N ASP D 213 11.25 48.42 -27.78
CA ASP D 213 12.58 48.76 -27.27
C ASP D 213 12.52 50.13 -26.62
N LYS D 214 12.99 50.24 -25.39
CA LYS D 214 13.06 51.53 -24.70
C LYS D 214 14.49 51.81 -24.31
N LYS D 215 15.02 52.91 -24.82
CA LYS D 215 16.35 53.39 -24.48
C LYS D 215 16.28 54.10 -23.12
N ILE D 216 17.25 53.81 -22.25
CA ILE D 216 17.36 54.53 -20.97
C ILE D 216 18.19 55.79 -21.24
N VAL D 217 17.54 56.94 -21.17
CA VAL D 217 18.18 58.23 -21.37
C VAL D 217 18.30 58.91 -20.00
N PRO D 218 19.40 59.64 -19.75
CA PRO D 218 19.50 60.37 -18.47
C PRO D 218 18.35 61.34 -18.26
N ARG D 219 17.99 61.57 -17.00
CA ARG D 219 16.83 62.39 -16.65
C ARG D 219 17.08 63.87 -16.97
N ASP D 220 16.73 64.25 -18.20
CA ASP D 220 16.88 65.64 -18.66
C ASP D 220 15.67 66.47 -18.27
MG MG E . -4.43 -26.59 -4.21
MG MG F . -10.57 -57.99 32.55
MG MG G . -19.39 -42.52 -7.70
MG MG H . 10.68 27.39 9.30
MG MG I . 15.01 17.75 -13.10
MG MG J . -10.11 24.68 -3.30
#